data_6X23
# 
_entry.id   6X23 
# 
_audit_conform.dict_name       mmcif_pdbx.dic 
_audit_conform.dict_version    5.387 
_audit_conform.dict_location   http://mmcif.pdb.org/dictionaries/ascii/mmcif_pdbx.dic 
# 
loop_
_database_2.database_id 
_database_2.database_code 
_database_2.pdbx_database_accession 
_database_2.pdbx_DOI 
PDB   6X23         pdb_00006x23 10.2210/pdb6x23/pdb 
WWPDB D_1000249440 ?            ?                   
# 
loop_
_pdbx_audit_revision_history.ordinal 
_pdbx_audit_revision_history.data_content_type 
_pdbx_audit_revision_history.major_revision 
_pdbx_audit_revision_history.minor_revision 
_pdbx_audit_revision_history.revision_date 
1 'Structure model' 1 0 2020-11-25 
2 'Structure model' 1 1 2024-03-06 
# 
_pdbx_audit_revision_details.ordinal             1 
_pdbx_audit_revision_details.revision_ordinal    1 
_pdbx_audit_revision_details.data_content_type   'Structure model' 
_pdbx_audit_revision_details.provider            repository 
_pdbx_audit_revision_details.type                'Initial release' 
_pdbx_audit_revision_details.description         ? 
_pdbx_audit_revision_details.details             ? 
# 
loop_
_pdbx_audit_revision_group.ordinal 
_pdbx_audit_revision_group.revision_ordinal 
_pdbx_audit_revision_group.data_content_type 
_pdbx_audit_revision_group.group 
1 2 'Structure model' 'Data collection'     
2 2 'Structure model' 'Database references' 
# 
loop_
_pdbx_audit_revision_category.ordinal 
_pdbx_audit_revision_category.revision_ordinal 
_pdbx_audit_revision_category.data_content_type 
_pdbx_audit_revision_category.category 
1 2 'Structure model' chem_comp_atom 
2 2 'Structure model' chem_comp_bond 
3 2 'Structure model' database_2     
# 
loop_
_pdbx_audit_revision_item.ordinal 
_pdbx_audit_revision_item.revision_ordinal 
_pdbx_audit_revision_item.data_content_type 
_pdbx_audit_revision_item.item 
1 2 'Structure model' '_database_2.pdbx_DOI'                
2 2 'Structure model' '_database_2.pdbx_database_accession' 
# 
_pdbx_database_status.status_code                     REL 
_pdbx_database_status.status_code_sf                  REL 
_pdbx_database_status.status_code_mr                  ? 
_pdbx_database_status.entry_id                        6X23 
_pdbx_database_status.recvd_initial_deposition_date   2020-05-19 
_pdbx_database_status.SG_entry                        N 
_pdbx_database_status.deposit_site                    RCSB 
_pdbx_database_status.process_site                    RCSB 
_pdbx_database_status.status_code_cs                  ? 
_pdbx_database_status.status_code_nmr_data            ? 
_pdbx_database_status.methods_development_category    ? 
_pdbx_database_status.pdb_format_compatible           Y 
# 
loop_
_audit_author.name 
_audit_author.pdbx_ordinal 
_audit_author.identifier_ORCID 
'Gao, M.'         1 0000-0003-2902-7517 
'Mackley, I.G.P.' 2 0000-0002-6837-9526 
'Amacher, J.F.'   3 0000-0002-3646-7521 
# 
_citation.abstract                  ? 
_citation.abstract_id_CAS           ? 
_citation.book_id_ISBN              ? 
_citation.book_publisher            ? 
_citation.book_publisher_city       ? 
_citation.book_title                ? 
_citation.coordinate_linkage        ? 
_citation.country                   US 
_citation.database_id_Medline       ? 
_citation.details                   ? 
_citation.id                        primary 
_citation.journal_abbrev            'Protein Sci.' 
_citation.journal_id_ASTM           PRCIEI 
_citation.journal_id_CSD            0795 
_citation.journal_id_ISSN           1469-896X 
_citation.journal_full              ? 
_citation.journal_issue             ? 
_citation.journal_volume            29 
_citation.language                  ? 
_citation.page_first                2226 
_citation.page_last                 2244 
_citation.title                     
'Structural characterization and computational analysis of PDZ domains in Monosiga brevicollis.' 
_citation.year                      2020 
_citation.database_id_CSD           ? 
_citation.pdbx_database_id_DOI      10.1002/pro.3947 
_citation.pdbx_database_id_PubMed   32914530 
_citation.unpublished_flag          ? 
# 
loop_
_citation_author.citation_id 
_citation_author.name 
_citation_author.ordinal 
_citation_author.identifier_ORCID 
primary 'Gao, M.'            1  ?                   
primary 'Mackley, I.G.P.'    2  ?                   
primary 'Mesbahi-Vasey, S.'  3  ?                   
primary 'Bamonte, H.A.'      4  ?                   
primary 'Struyvenberg, S.A.' 5  ?                   
primary 'Landolt, L.'        6  ?                   
primary 'Pederson, N.J.'     7  ?                   
primary 'Williams, L.I.'     8  ?                   
primary 'Bahl, C.D.'         9  0000-0002-3652-3693 
primary 'Brooks 3rd, L.'     10 ?                   
primary 'Amacher, J.F.'      11 0000-0002-3646-7521 
# 
loop_
_entity.id 
_entity.type 
_entity.src_method 
_entity.pdbx_description 
_entity.formula_weight 
_entity.pdbx_number_of_molecules 
_entity.pdbx_ec 
_entity.pdbx_mutation 
_entity.pdbx_fragment 
_entity.details 
1 polymer man 'mbSHANK1 protein'                                         11412.797 1  ? ? 'PDZ domain (UNP residues 442-544)' ? 
2 polymer syn 'G protein-activated inward rectifier potassium channel 3' 1083.211  1  ? ? 'peptide (UNP residues 384-393)'    ? 
3 water   nat water                                                      18.015    23 ? ? ?                                   ? 
# 
_entity_name_com.entity_id   2 
_entity_name_com.name        
'GIRK-3,Inward rectifier K(+) channel Kir3.3,Potassium channel,inwardly rectifying subfamily J member 9' 
# 
loop_
_entity_poly.entity_id 
_entity_poly.type 
_entity_poly.nstd_linkage 
_entity_poly.nstd_monomer 
_entity_poly.pdbx_seq_one_letter_code 
_entity_poly.pdbx_seq_one_letter_code_can 
_entity_poly.pdbx_strand_id 
_entity_poly.pdbx_target_identifier 
1 'polypeptide(L)' no no 
;GPQRNGRAPEGKMDLIIMRGDKGFGFRLSGATHSAAEQTAQGQWVRNVDPDGQAARAGLQAGDRLLELNGVDVSFWSHRK
VVDEIKRSGDVVAFRIARRLSPGPD
;
;GPQRNGRAPEGKMDLIIMRGDKGFGFRLSGATHSAAEQTAQGQWVRNVDPDGQAARAGLQAGDRLLELNGVDVSFWSHRK
VVDEIKRSGDVVAFRIARRLSPGPD
;
A ? 
2 'polypeptide(L)' no no LPPPESESKV LPPPESESKV B ? 
# 
_pdbx_entity_nonpoly.entity_id   3 
_pdbx_entity_nonpoly.name        water 
_pdbx_entity_nonpoly.comp_id     HOH 
# 
loop_
_entity_poly_seq.entity_id 
_entity_poly_seq.num 
_entity_poly_seq.mon_id 
_entity_poly_seq.hetero 
1 1   GLY n 
1 2   PRO n 
1 3   GLN n 
1 4   ARG n 
1 5   ASN n 
1 6   GLY n 
1 7   ARG n 
1 8   ALA n 
1 9   PRO n 
1 10  GLU n 
1 11  GLY n 
1 12  LYS n 
1 13  MET n 
1 14  ASP n 
1 15  LEU n 
1 16  ILE n 
1 17  ILE n 
1 18  MET n 
1 19  ARG n 
1 20  GLY n 
1 21  ASP n 
1 22  LYS n 
1 23  GLY n 
1 24  PHE n 
1 25  GLY n 
1 26  PHE n 
1 27  ARG n 
1 28  LEU n 
1 29  SER n 
1 30  GLY n 
1 31  ALA n 
1 32  THR n 
1 33  HIS n 
1 34  SER n 
1 35  ALA n 
1 36  ALA n 
1 37  GLU n 
1 38  GLN n 
1 39  THR n 
1 40  ALA n 
1 41  GLN n 
1 42  GLY n 
1 43  GLN n 
1 44  TRP n 
1 45  VAL n 
1 46  ARG n 
1 47  ASN n 
1 48  VAL n 
1 49  ASP n 
1 50  PRO n 
1 51  ASP n 
1 52  GLY n 
1 53  GLN n 
1 54  ALA n 
1 55  ALA n 
1 56  ARG n 
1 57  ALA n 
1 58  GLY n 
1 59  LEU n 
1 60  GLN n 
1 61  ALA n 
1 62  GLY n 
1 63  ASP n 
1 64  ARG n 
1 65  LEU n 
1 66  LEU n 
1 67  GLU n 
1 68  LEU n 
1 69  ASN n 
1 70  GLY n 
1 71  VAL n 
1 72  ASP n 
1 73  VAL n 
1 74  SER n 
1 75  PHE n 
1 76  TRP n 
1 77  SER n 
1 78  HIS n 
1 79  ARG n 
1 80  LYS n 
1 81  VAL n 
1 82  VAL n 
1 83  ASP n 
1 84  GLU n 
1 85  ILE n 
1 86  LYS n 
1 87  ARG n 
1 88  SER n 
1 89  GLY n 
1 90  ASP n 
1 91  VAL n 
1 92  VAL n 
1 93  ALA n 
1 94  PHE n 
1 95  ARG n 
1 96  ILE n 
1 97  ALA n 
1 98  ARG n 
1 99  ARG n 
1 100 LEU n 
1 101 SER n 
1 102 PRO n 
1 103 GLY n 
1 104 PRO n 
1 105 ASP n 
2 1   LEU n 
2 2   PRO n 
2 3   PRO n 
2 4   PRO n 
2 5   GLU n 
2 6   SER n 
2 7   GLU n 
2 8   SER n 
2 9   LYS n 
2 10  VAL n 
# 
_entity_src_gen.entity_id                          1 
_entity_src_gen.pdbx_src_id                        1 
_entity_src_gen.pdbx_alt_source_flag               sample 
_entity_src_gen.pdbx_seq_type                      'Biological sequence' 
_entity_src_gen.pdbx_beg_seq_num                   1 
_entity_src_gen.pdbx_end_seq_num                   105 
_entity_src_gen.gene_src_common_name               Choanoflagellate 
_entity_src_gen.gene_src_genus                     ? 
_entity_src_gen.pdbx_gene_src_gene                 28170 
_entity_src_gen.gene_src_species                   ? 
_entity_src_gen.gene_src_strain                    ? 
_entity_src_gen.gene_src_tissue                    ? 
_entity_src_gen.gene_src_tissue_fraction           ? 
_entity_src_gen.gene_src_details                   ? 
_entity_src_gen.pdbx_gene_src_fragment             ? 
_entity_src_gen.pdbx_gene_src_scientific_name      'Monosiga brevicollis' 
_entity_src_gen.pdbx_gene_src_ncbi_taxonomy_id     81824 
_entity_src_gen.pdbx_gene_src_variant              ? 
_entity_src_gen.pdbx_gene_src_cell_line            ? 
_entity_src_gen.pdbx_gene_src_atcc                 ? 
_entity_src_gen.pdbx_gene_src_organ                ? 
_entity_src_gen.pdbx_gene_src_organelle            ? 
_entity_src_gen.pdbx_gene_src_cell                 ? 
_entity_src_gen.pdbx_gene_src_cellular_location    ? 
_entity_src_gen.host_org_common_name               ? 
_entity_src_gen.pdbx_host_org_scientific_name      'Escherichia coli BL21(DE3)' 
_entity_src_gen.pdbx_host_org_ncbi_taxonomy_id     469008 
_entity_src_gen.host_org_genus                     ? 
_entity_src_gen.pdbx_host_org_gene                 ? 
_entity_src_gen.pdbx_host_org_organ                ? 
_entity_src_gen.host_org_species                   ? 
_entity_src_gen.pdbx_host_org_tissue               ? 
_entity_src_gen.pdbx_host_org_tissue_fraction      ? 
_entity_src_gen.pdbx_host_org_strain               ? 
_entity_src_gen.pdbx_host_org_variant              ? 
_entity_src_gen.pdbx_host_org_cell_line            ? 
_entity_src_gen.pdbx_host_org_atcc                 ? 
_entity_src_gen.pdbx_host_org_culture_collection   ? 
_entity_src_gen.pdbx_host_org_cell                 ? 
_entity_src_gen.pdbx_host_org_organelle            ? 
_entity_src_gen.pdbx_host_org_cellular_location    ? 
_entity_src_gen.pdbx_host_org_vector_type          plasmid 
_entity_src_gen.pdbx_host_org_vector               ? 
_entity_src_gen.host_org_details                   ? 
_entity_src_gen.expression_system_id               ? 
_entity_src_gen.plasmid_name                       pET28a+ 
_entity_src_gen.plasmid_details                    ? 
_entity_src_gen.pdbx_description                   ? 
# 
_pdbx_entity_src_syn.entity_id              2 
_pdbx_entity_src_syn.pdbx_src_id            1 
_pdbx_entity_src_syn.pdbx_alt_source_flag   sample 
_pdbx_entity_src_syn.pdbx_beg_seq_num       1 
_pdbx_entity_src_syn.pdbx_end_seq_num       10 
_pdbx_entity_src_syn.organism_scientific    'Homo sapiens' 
_pdbx_entity_src_syn.organism_common_name   Human 
_pdbx_entity_src_syn.ncbi_taxonomy_id       9606 
_pdbx_entity_src_syn.details                ? 
# 
loop_
_chem_comp.id 
_chem_comp.type 
_chem_comp.mon_nstd_flag 
_chem_comp.name 
_chem_comp.pdbx_synonyms 
_chem_comp.formula 
_chem_comp.formula_weight 
ALA 'L-peptide linking' y ALANINE         ? 'C3 H7 N O2'     89.093  
ARG 'L-peptide linking' y ARGININE        ? 'C6 H15 N4 O2 1' 175.209 
ASN 'L-peptide linking' y ASPARAGINE      ? 'C4 H8 N2 O3'    132.118 
ASP 'L-peptide linking' y 'ASPARTIC ACID' ? 'C4 H7 N O4'     133.103 
GLN 'L-peptide linking' y GLUTAMINE       ? 'C5 H10 N2 O3'   146.144 
GLU 'L-peptide linking' y 'GLUTAMIC ACID' ? 'C5 H9 N O4'     147.129 
GLY 'peptide linking'   y GLYCINE         ? 'C2 H5 N O2'     75.067  
HIS 'L-peptide linking' y HISTIDINE       ? 'C6 H10 N3 O2 1' 156.162 
HOH non-polymer         . WATER           ? 'H2 O'           18.015  
ILE 'L-peptide linking' y ISOLEUCINE      ? 'C6 H13 N O2'    131.173 
LEU 'L-peptide linking' y LEUCINE         ? 'C6 H13 N O2'    131.173 
LYS 'L-peptide linking' y LYSINE          ? 'C6 H15 N2 O2 1' 147.195 
MET 'L-peptide linking' y METHIONINE      ? 'C5 H11 N O2 S'  149.211 
PHE 'L-peptide linking' y PHENYLALANINE   ? 'C9 H11 N O2'    165.189 
PRO 'L-peptide linking' y PROLINE         ? 'C5 H9 N O2'     115.130 
SER 'L-peptide linking' y SERINE          ? 'C3 H7 N O3'     105.093 
THR 'L-peptide linking' y THREONINE       ? 'C4 H9 N O3'     119.119 
TRP 'L-peptide linking' y TRYPTOPHAN      ? 'C11 H12 N2 O2'  204.225 
VAL 'L-peptide linking' y VALINE          ? 'C5 H11 N O2'    117.146 
# 
loop_
_pdbx_poly_seq_scheme.asym_id 
_pdbx_poly_seq_scheme.entity_id 
_pdbx_poly_seq_scheme.seq_id 
_pdbx_poly_seq_scheme.mon_id 
_pdbx_poly_seq_scheme.ndb_seq_num 
_pdbx_poly_seq_scheme.pdb_seq_num 
_pdbx_poly_seq_scheme.auth_seq_num 
_pdbx_poly_seq_scheme.pdb_mon_id 
_pdbx_poly_seq_scheme.auth_mon_id 
_pdbx_poly_seq_scheme.pdb_strand_id 
_pdbx_poly_seq_scheme.pdb_ins_code 
_pdbx_poly_seq_scheme.hetero 
A 1 1   GLY 1   440 ?   ?   ?   A . n 
A 1 2   PRO 2   441 ?   ?   ?   A . n 
A 1 3   GLN 3   442 ?   ?   ?   A . n 
A 1 4   ARG 4   443 ?   ?   ?   A . n 
A 1 5   ASN 5   444 ?   ?   ?   A . n 
A 1 6   GLY 6   445 ?   ?   ?   A . n 
A 1 7   ARG 7   446 ?   ?   ?   A . n 
A 1 8   ALA 8   447 447 ALA ALA A . n 
A 1 9   PRO 9   448 448 PRO PRO A . n 
A 1 10  GLU 10  449 449 GLU GLU A . n 
A 1 11  GLY 11  450 450 GLY GLY A . n 
A 1 12  LYS 12  451 451 LYS LYS A . n 
A 1 13  MET 13  452 452 MET MET A . n 
A 1 14  ASP 14  453 453 ASP ASP A . n 
A 1 15  LEU 15  454 454 LEU LEU A . n 
A 1 16  ILE 16  455 455 ILE ILE A . n 
A 1 17  ILE 17  456 456 ILE ILE A . n 
A 1 18  MET 18  457 457 MET MET A . n 
A 1 19  ARG 19  458 458 ARG ARG A . n 
A 1 20  GLY 20  459 459 GLY GLY A . n 
A 1 21  ASP 21  460 460 ASP ASP A . n 
A 1 22  LYS 22  461 461 LYS LYS A . n 
A 1 23  GLY 23  462 462 GLY GLY A . n 
A 1 24  PHE 24  463 463 PHE PHE A . n 
A 1 25  GLY 25  464 464 GLY GLY A . n 
A 1 26  PHE 26  465 465 PHE PHE A . n 
A 1 27  ARG 27  466 466 ARG ARG A . n 
A 1 28  LEU 28  467 467 LEU LEU A . n 
A 1 29  SER 29  468 468 SER SER A . n 
A 1 30  GLY 30  469 469 GLY GLY A . n 
A 1 31  ALA 31  470 470 ALA ALA A . n 
A 1 32  THR 32  471 471 THR THR A . n 
A 1 33  HIS 33  472 472 HIS HIS A . n 
A 1 34  SER 34  473 ?   ?   ?   A . n 
A 1 35  ALA 35  474 ?   ?   ?   A . n 
A 1 36  ALA 36  475 ?   ?   ?   A . n 
A 1 37  GLU 37  476 ?   ?   ?   A . n 
A 1 38  GLN 38  477 ?   ?   ?   A . n 
A 1 39  THR 39  478 ?   ?   ?   A . n 
A 1 40  ALA 40  479 479 ALA ALA A . n 
A 1 41  GLN 41  480 480 GLN GLN A . n 
A 1 42  GLY 42  481 481 GLY GLY A . n 
A 1 43  GLN 43  482 482 GLN GLN A . n 
A 1 44  TRP 44  483 483 TRP TRP A . n 
A 1 45  VAL 45  484 484 VAL VAL A . n 
A 1 46  ARG 46  485 485 ARG ARG A . n 
A 1 47  ASN 47  486 486 ASN ASN A . n 
A 1 48  VAL 48  487 487 VAL VAL A . n 
A 1 49  ASP 49  488 488 ASP ASP A . n 
A 1 50  PRO 50  489 489 PRO PRO A . n 
A 1 51  ASP 51  490 490 ASP ASP A . n 
A 1 52  GLY 52  491 491 GLY GLY A . n 
A 1 53  GLN 53  492 492 GLN GLN A . n 
A 1 54  ALA 54  493 493 ALA ALA A . n 
A 1 55  ALA 55  494 494 ALA ALA A . n 
A 1 56  ARG 56  495 495 ARG ARG A . n 
A 1 57  ALA 57  496 496 ALA ALA A . n 
A 1 58  GLY 58  497 497 GLY GLY A . n 
A 1 59  LEU 59  498 498 LEU LEU A . n 
A 1 60  GLN 60  499 499 GLN GLN A . n 
A 1 61  ALA 61  500 500 ALA ALA A . n 
A 1 62  GLY 62  501 501 GLY GLY A . n 
A 1 63  ASP 63  502 502 ASP ASP A . n 
A 1 64  ARG 64  503 503 ARG ARG A . n 
A 1 65  LEU 65  504 504 LEU LEU A . n 
A 1 66  LEU 66  505 505 LEU LEU A . n 
A 1 67  GLU 67  506 506 GLU GLU A . n 
A 1 68  LEU 68  507 507 LEU LEU A . n 
A 1 69  ASN 69  508 508 ASN ASN A . n 
A 1 70  GLY 70  509 509 GLY GLY A . n 
A 1 71  VAL 71  510 510 VAL VAL A . n 
A 1 72  ASP 72  511 511 ASP ASP A . n 
A 1 73  VAL 73  512 512 VAL VAL A . n 
A 1 74  SER 74  513 513 SER SER A . n 
A 1 75  PHE 75  514 514 PHE PHE A . n 
A 1 76  TRP 76  515 515 TRP TRP A . n 
A 1 77  SER 77  516 516 SER SER A . n 
A 1 78  HIS 78  517 517 HIS HIS A . n 
A 1 79  ARG 79  518 518 ARG ARG A . n 
A 1 80  LYS 80  519 519 LYS LYS A . n 
A 1 81  VAL 81  520 520 VAL VAL A . n 
A 1 82  VAL 82  521 521 VAL VAL A . n 
A 1 83  ASP 83  522 522 ASP ASP A . n 
A 1 84  GLU 84  523 523 GLU GLU A . n 
A 1 85  ILE 85  524 524 ILE ILE A . n 
A 1 86  LYS 86  525 525 LYS LYS A . n 
A 1 87  ARG 87  526 526 ARG ARG A . n 
A 1 88  SER 88  527 527 SER SER A . n 
A 1 89  GLY 89  528 528 GLY GLY A . n 
A 1 90  ASP 90  529 529 ASP ASP A . n 
A 1 91  VAL 91  530 530 VAL VAL A . n 
A 1 92  VAL 92  531 531 VAL VAL A . n 
A 1 93  ALA 93  532 532 ALA ALA A . n 
A 1 94  PHE 94  533 533 PHE PHE A . n 
A 1 95  ARG 95  534 534 ARG ARG A . n 
A 1 96  ILE 96  535 535 ILE ILE A . n 
A 1 97  ALA 97  536 536 ALA ALA A . n 
A 1 98  ARG 98  537 537 ARG ARG A . n 
A 1 99  ARG 99  538 538 ARG ARG A . n 
A 1 100 LEU 100 539 539 LEU LEU A . n 
A 1 101 SER 101 540 540 SER SER A . n 
A 1 102 PRO 102 541 541 PRO PRO A . n 
A 1 103 GLY 103 542 ?   ?   ?   A . n 
A 1 104 PRO 104 543 ?   ?   ?   A . n 
A 1 105 ASP 105 544 ?   ?   ?   A . n 
B 2 1   LEU 1   1   ?   ?   ?   B . n 
B 2 2   PRO 2   2   ?   ?   ?   B . n 
B 2 3   PRO 3   3   ?   ?   ?   B . n 
B 2 4   PRO 4   4   4   PRO PRO B . n 
B 2 5   GLU 5   5   5   GLU GLU B . n 
B 2 6   SER 6   6   6   SER SER B . n 
B 2 7   GLU 7   7   7   GLU GLU B . n 
B 2 8   SER 8   8   8   SER SER B . n 
B 2 9   LYS 9   9   9   LYS LYS B . n 
B 2 10  VAL 10  10  10  VAL VAL B . n 
# 
loop_
_pdbx_nonpoly_scheme.asym_id 
_pdbx_nonpoly_scheme.entity_id 
_pdbx_nonpoly_scheme.mon_id 
_pdbx_nonpoly_scheme.ndb_seq_num 
_pdbx_nonpoly_scheme.pdb_seq_num 
_pdbx_nonpoly_scheme.auth_seq_num 
_pdbx_nonpoly_scheme.pdb_mon_id 
_pdbx_nonpoly_scheme.auth_mon_id 
_pdbx_nonpoly_scheme.pdb_strand_id 
_pdbx_nonpoly_scheme.pdb_ins_code 
C 3 HOH 1  601 4  HOH HOH A . 
C 3 HOH 2  602 19 HOH HOH A . 
C 3 HOH 3  603 1  HOH HOH A . 
C 3 HOH 4  604 3  HOH HOH A . 
C 3 HOH 5  605 2  HOH HOH A . 
C 3 HOH 6  606 7  HOH HOH A . 
C 3 HOH 7  607 12 HOH HOH A . 
C 3 HOH 8  608 22 HOH HOH A . 
C 3 HOH 9  609 21 HOH HOH A . 
C 3 HOH 10 610 5  HOH HOH A . 
C 3 HOH 11 611 11 HOH HOH A . 
C 3 HOH 12 612 15 HOH HOH A . 
C 3 HOH 13 613 20 HOH HOH A . 
C 3 HOH 14 614 17 HOH HOH A . 
C 3 HOH 15 615 18 HOH HOH A . 
C 3 HOH 16 616 14 HOH HOH A . 
C 3 HOH 17 617 10 HOH HOH A . 
C 3 HOH 18 618 6  HOH HOH A . 
C 3 HOH 19 619 23 HOH HOH A . 
C 3 HOH 20 620 9  HOH HOH A . 
C 3 HOH 21 621 16 HOH HOH A . 
C 3 HOH 22 622 13 HOH HOH A . 
D 3 HOH 1  101 8  HOH HOH B . 
# 
loop_
_software.citation_id 
_software.classification 
_software.compiler_name 
_software.compiler_version 
_software.contact_author 
_software.contact_author_email 
_software.date 
_software.description 
_software.dependencies 
_software.hardware 
_software.language 
_software.location 
_software.mods 
_software.name 
_software.os 
_software.os_version 
_software.type 
_software.version 
_software.pdbx_ordinal 
? 'data scaling'    ? ? ? ? ? ? ? ? ? ? ? Aimless     ? ? ? 0.7.4       1 
? refinement        ? ? ? ? ? ? ? ? ? ? ? PHENIX      ? ? ? 1.10.1_2155 2 
? 'data extraction' ? ? ? ? ? ? ? ? ? ? ? PDB_EXTRACT ? ? ? 3.25        3 
? 'data reduction'  ? ? ? ? ? ? ? ? ? ? ? XDS         ? ? ? .           4 
? phasing           ? ? ? ? ? ? ? ? ? ? ? PHENIX      ? ? ? .           5 
# 
_cell.angle_alpha                  90.000 
_cell.angle_alpha_esd              ? 
_cell.angle_beta                   90.000 
_cell.angle_beta_esd               ? 
_cell.angle_gamma                  90.000 
_cell.angle_gamma_esd              ? 
_cell.entry_id                     6X23 
_cell.details                      ? 
_cell.formula_units_Z              ? 
_cell.length_a                     33.070 
_cell.length_a_esd                 ? 
_cell.length_b                     40.690 
_cell.length_b_esd                 ? 
_cell.length_c                     78.860 
_cell.length_c_esd                 ? 
_cell.volume                       ? 
_cell.volume_esd                   ? 
_cell.Z_PDB                        4 
_cell.reciprocal_angle_alpha       ? 
_cell.reciprocal_angle_beta        ? 
_cell.reciprocal_angle_gamma       ? 
_cell.reciprocal_angle_alpha_esd   ? 
_cell.reciprocal_angle_beta_esd    ? 
_cell.reciprocal_angle_gamma_esd   ? 
_cell.reciprocal_length_a          ? 
_cell.reciprocal_length_b          ? 
_cell.reciprocal_length_c          ? 
_cell.reciprocal_length_a_esd      ? 
_cell.reciprocal_length_b_esd      ? 
_cell.reciprocal_length_c_esd      ? 
_cell.pdbx_unique_axis             ? 
# 
_symmetry.entry_id                         6X23 
_symmetry.cell_setting                     ? 
_symmetry.Int_Tables_number                19 
_symmetry.space_group_name_Hall            ? 
_symmetry.space_group_name_H-M             'P 21 21 21' 
_symmetry.pdbx_full_space_group_name_H-M   ? 
# 
_exptl.absorpt_coefficient_mu     ? 
_exptl.absorpt_correction_T_max   ? 
_exptl.absorpt_correction_T_min   ? 
_exptl.absorpt_correction_type    ? 
_exptl.absorpt_process_details    ? 
_exptl.entry_id                   6X23 
_exptl.crystals_number            1 
_exptl.details                    ? 
_exptl.method                     'X-RAY DIFFRACTION' 
_exptl.method_details             ? 
# 
_exptl_crystal.colour                      ? 
_exptl_crystal.density_diffrn              ? 
_exptl_crystal.density_Matthews            2.33 
_exptl_crystal.density_method              ? 
_exptl_crystal.density_percent_sol         42.06 
_exptl_crystal.description                 ? 
_exptl_crystal.F_000                       ? 
_exptl_crystal.id                          1 
_exptl_crystal.preparation                 ? 
_exptl_crystal.size_max                    ? 
_exptl_crystal.size_mid                    ? 
_exptl_crystal.size_min                    ? 
_exptl_crystal.size_rad                    ? 
_exptl_crystal.colour_lustre               ? 
_exptl_crystal.colour_modifier             ? 
_exptl_crystal.colour_primary              ? 
_exptl_crystal.density_meas                ? 
_exptl_crystal.density_meas_esd            ? 
_exptl_crystal.density_meas_gt             ? 
_exptl_crystal.density_meas_lt             ? 
_exptl_crystal.density_meas_temp           ? 
_exptl_crystal.density_meas_temp_esd       ? 
_exptl_crystal.density_meas_temp_gt        ? 
_exptl_crystal.density_meas_temp_lt        ? 
_exptl_crystal.pdbx_crystal_image_url      ? 
_exptl_crystal.pdbx_crystal_image_format   ? 
_exptl_crystal.pdbx_mosaicity              ? 
_exptl_crystal.pdbx_mosaicity_esd          ? 
# 
_exptl_crystal_grow.apparatus       ? 
_exptl_crystal_grow.atmosphere      ? 
_exptl_crystal_grow.crystal_id      1 
_exptl_crystal_grow.details         ? 
_exptl_crystal_grow.method          'VAPOR DIFFUSION, HANGING DROP' 
_exptl_crystal_grow.method_ref      ? 
_exptl_crystal_grow.pH              ? 
_exptl_crystal_grow.pressure        ? 
_exptl_crystal_grow.pressure_esd    ? 
_exptl_crystal_grow.seeding         ? 
_exptl_crystal_grow.seeding_ref     ? 
_exptl_crystal_grow.temp            298 
_exptl_crystal_grow.temp_details    ? 
_exptl_crystal_grow.temp_esd        ? 
_exptl_crystal_grow.time            ? 
_exptl_crystal_grow.pdbx_details    '0.25 M sodium chloride, 0.1 M Bis-Tris, pH 5.5, 32% w/v PEG3350' 
_exptl_crystal_grow.pdbx_pH_range   ? 
# 
_diffrn.ambient_environment              ? 
_diffrn.ambient_temp                     80 
_diffrn.ambient_temp_details             ? 
_diffrn.ambient_temp_esd                 ? 
_diffrn.crystal_id                       1 
_diffrn.crystal_support                  ? 
_diffrn.crystal_treatment                ? 
_diffrn.details                          ? 
_diffrn.id                               1 
_diffrn.ambient_pressure                 ? 
_diffrn.ambient_pressure_esd             ? 
_diffrn.ambient_pressure_gt              ? 
_diffrn.ambient_pressure_lt              ? 
_diffrn.ambient_temp_gt                  ? 
_diffrn.ambient_temp_lt                  ? 
_diffrn.pdbx_serial_crystal_experiment   N 
# 
_diffrn_detector.details                      ? 
_diffrn_detector.detector                     PIXEL 
_diffrn_detector.diffrn_id                    1 
_diffrn_detector.type                         'DECTRIS PILATUS3 6M' 
_diffrn_detector.area_resol_mean              ? 
_diffrn_detector.dtime                        ? 
_diffrn_detector.pdbx_frames_total            ? 
_diffrn_detector.pdbx_collection_time_total   ? 
_diffrn_detector.pdbx_collection_date         2019-05-10 
_diffrn_detector.pdbx_frequency               ? 
# 
_diffrn_radiation.collimation                      ? 
_diffrn_radiation.diffrn_id                        1 
_diffrn_radiation.filter_edge                      ? 
_diffrn_radiation.inhomogeneity                    ? 
_diffrn_radiation.monochromator                    'Si(220)' 
_diffrn_radiation.polarisn_norm                    ? 
_diffrn_radiation.polarisn_ratio                   ? 
_diffrn_radiation.probe                            ? 
_diffrn_radiation.type                             ? 
_diffrn_radiation.xray_symbol                      ? 
_diffrn_radiation.wavelength_id                    1 
_diffrn_radiation.pdbx_monochromatic_or_laue_m_l   M 
_diffrn_radiation.pdbx_wavelength_list             ? 
_diffrn_radiation.pdbx_wavelength                  ? 
_diffrn_radiation.pdbx_diffrn_protocol             'SINGLE WAVELENGTH' 
_diffrn_radiation.pdbx_analyzer                    ? 
_diffrn_radiation.pdbx_scattering_type             x-ray 
# 
_diffrn_radiation_wavelength.id           1 
_diffrn_radiation_wavelength.wavelength   0.977410 
_diffrn_radiation_wavelength.wt           1.0 
# 
_diffrn_source.current                     ? 
_diffrn_source.details                     ? 
_diffrn_source.diffrn_id                   1 
_diffrn_source.power                       ? 
_diffrn_source.size                        ? 
_diffrn_source.source                      SYNCHROTRON 
_diffrn_source.target                      ? 
_diffrn_source.type                        'ALS BEAMLINE 5.0.1' 
_diffrn_source.voltage                     ? 
_diffrn_source.take-off_angle              ? 
_diffrn_source.pdbx_wavelength_list        0.977410 
_diffrn_source.pdbx_wavelength             ? 
_diffrn_source.pdbx_synchrotron_beamline   5.0.1 
_diffrn_source.pdbx_synchrotron_site       ALS 
# 
_reflns.B_iso_Wilson_estimate            38.0 
_reflns.entry_id                         6X23 
_reflns.data_reduction_details           ? 
_reflns.data_reduction_method            ? 
_reflns.d_resolution_high                2.150 
_reflns.d_resolution_low                 36.16 
_reflns.details                          ? 
_reflns.limit_h_max                      ? 
_reflns.limit_h_min                      ? 
_reflns.limit_k_max                      ? 
_reflns.limit_k_min                      ? 
_reflns.limit_l_max                      ? 
_reflns.limit_l_min                      ? 
_reflns.number_all                       ? 
_reflns.number_obs                       6160 
_reflns.observed_criterion               ? 
_reflns.observed_criterion_F_max         ? 
_reflns.observed_criterion_F_min         ? 
_reflns.observed_criterion_I_max         ? 
_reflns.observed_criterion_I_min         ? 
_reflns.observed_criterion_sigma_F       ? 
_reflns.observed_criterion_sigma_I       ? 
_reflns.percent_possible_obs             99.900 
_reflns.R_free_details                   ? 
_reflns.Rmerge_F_all                     ? 
_reflns.Rmerge_F_obs                     ? 
_reflns.Friedel_coverage                 ? 
_reflns.number_gt                        ? 
_reflns.threshold_expression             ? 
_reflns.pdbx_redundancy                  12.57 
_reflns.pdbx_Rmerge_I_obs                ? 
_reflns.pdbx_Rmerge_I_all                ? 
_reflns.pdbx_Rsym_value                  0.16 
_reflns.pdbx_netI_over_av_sigmaI         ? 
_reflns.pdbx_netI_over_sigmaI            12.45 
_reflns.pdbx_res_netI_over_av_sigmaI_2   ? 
_reflns.pdbx_res_netI_over_sigmaI_2      ? 
_reflns.pdbx_chi_squared                 ? 
_reflns.pdbx_scaling_rejects             ? 
_reflns.pdbx_d_res_high_opt              ? 
_reflns.pdbx_d_res_low_opt               ? 
_reflns.pdbx_d_res_opt_method            ? 
_reflns.phase_calculation_details        ? 
_reflns.pdbx_Rrim_I_all                  ? 
_reflns.pdbx_Rpim_I_all                  ? 
_reflns.pdbx_d_opt                       ? 
_reflns.pdbx_number_measured_all         ? 
_reflns.pdbx_diffrn_id                   1 
_reflns.pdbx_ordinal                     1 
_reflns.pdbx_CC_half                     0.999 
_reflns.pdbx_CC_star                     ? 
_reflns.pdbx_R_split                     ? 
# 
loop_
_reflns_shell.d_res_high 
_reflns_shell.d_res_low 
_reflns_shell.meanI_over_sigI_all 
_reflns_shell.meanI_over_sigI_obs 
_reflns_shell.number_measured_all 
_reflns_shell.number_measured_obs 
_reflns_shell.number_possible 
_reflns_shell.number_unique_all 
_reflns_shell.number_unique_obs 
_reflns_shell.percent_possible_all 
_reflns_shell.percent_possible_obs 
_reflns_shell.Rmerge_F_all 
_reflns_shell.Rmerge_F_obs 
_reflns_shell.Rmerge_I_all 
_reflns_shell.Rmerge_I_obs 
_reflns_shell.meanI_over_sigI_gt 
_reflns_shell.meanI_over_uI_all 
_reflns_shell.meanI_over_uI_gt 
_reflns_shell.number_measured_gt 
_reflns_shell.number_unique_gt 
_reflns_shell.percent_possible_gt 
_reflns_shell.Rmerge_F_gt 
_reflns_shell.Rmerge_I_gt 
_reflns_shell.pdbx_redundancy 
_reflns_shell.pdbx_Rsym_value 
_reflns_shell.pdbx_chi_squared 
_reflns_shell.pdbx_netI_over_sigmaI_all 
_reflns_shell.pdbx_netI_over_sigmaI_obs 
_reflns_shell.pdbx_Rrim_I_all 
_reflns_shell.pdbx_Rpim_I_all 
_reflns_shell.pdbx_rejects 
_reflns_shell.pdbx_ordinal 
_reflns_shell.pdbx_diffrn_id 
_reflns_shell.pdbx_CC_half 
_reflns_shell.pdbx_CC_star 
_reflns_shell.pdbx_R_split 
2.150 2.51 ? 2.03 ? ? ? ? 2236 99.7  ? ? ? ? ? ? ? ? ? ? ? ? ? 12.68 1.55 ? ? ? ? ? ? 1 1 0.885 ? ? 
2.51  2.75 ? 4.98 ? ? ? ? 917  100.0 ? ? ? ? ? ? ? ? ? ? ? ? ? 13.11 .599 ? ? ? ? ? ? 2 1 0.981 ? ? 
# 
_refine.aniso_B[1][1]                            ? 
_refine.aniso_B[1][2]                            ? 
_refine.aniso_B[1][3]                            ? 
_refine.aniso_B[2][2]                            ? 
_refine.aniso_B[2][3]                            ? 
_refine.aniso_B[3][3]                            ? 
_refine.B_iso_max                                97.590 
_refine.B_iso_mean                               38.0375 
_refine.B_iso_min                                12.900 
_refine.correlation_coeff_Fo_to_Fc               ? 
_refine.correlation_coeff_Fo_to_Fc_free          ? 
_refine.details                                  ? 
_refine.diff_density_max                         ? 
_refine.diff_density_max_esd                     ? 
_refine.diff_density_min                         ? 
_refine.diff_density_min_esd                     ? 
_refine.diff_density_rms                         ? 
_refine.diff_density_rms_esd                     ? 
_refine.entry_id                                 6X23 
_refine.pdbx_refine_id                           'X-RAY DIFFRACTION' 
_refine.ls_abs_structure_details                 ? 
_refine.ls_abs_structure_Flack                   ? 
_refine.ls_abs_structure_Flack_esd               ? 
_refine.ls_abs_structure_Rogers                  ? 
_refine.ls_abs_structure_Rogers_esd              ? 
_refine.ls_d_res_high                            2.1540 
_refine.ls_d_res_low                             36.1600 
_refine.ls_extinction_coef                       ? 
_refine.ls_extinction_coef_esd                   ? 
_refine.ls_extinction_expression                 ? 
_refine.ls_extinction_method                     ? 
_refine.ls_goodness_of_fit_all                   ? 
_refine.ls_goodness_of_fit_all_esd               ? 
_refine.ls_goodness_of_fit_obs                   ? 
_refine.ls_goodness_of_fit_obs_esd               ? 
_refine.ls_hydrogen_treatment                    ? 
_refine.ls_matrix_type                           ? 
_refine.ls_number_constraints                    ? 
_refine.ls_number_parameters                     ? 
_refine.ls_number_reflns_all                     ? 
_refine.ls_number_reflns_obs                     3941 
_refine.ls_number_reflns_R_free                  189 
_refine.ls_number_reflns_R_work                  3752 
_refine.ls_number_restraints                     ? 
_refine.ls_percent_reflns_obs                    64.1100 
_refine.ls_percent_reflns_R_free                 4.8000 
_refine.ls_R_factor_all                          ? 
_refine.ls_R_factor_obs                          0.2083 
_refine.ls_R_factor_R_free                       0.2534 
_refine.ls_R_factor_R_free_error                 ? 
_refine.ls_R_factor_R_free_error_details         ? 
_refine.ls_R_factor_R_work                       0.2060 
_refine.ls_R_Fsqd_factor_obs                     ? 
_refine.ls_R_I_factor_obs                        ? 
_refine.ls_redundancy_reflns_all                 ? 
_refine.ls_redundancy_reflns_obs                 ? 
_refine.ls_restrained_S_all                      ? 
_refine.ls_restrained_S_obs                      ? 
_refine.ls_shift_over_esd_max                    ? 
_refine.ls_shift_over_esd_mean                   ? 
_refine.ls_structure_factor_coef                 ? 
_refine.ls_weighting_details                     ? 
_refine.ls_weighting_scheme                      ? 
_refine.ls_wR_factor_all                         ? 
_refine.ls_wR_factor_obs                         ? 
_refine.ls_wR_factor_R_free                      ? 
_refine.ls_wR_factor_R_work                      ? 
_refine.occupancy_max                            ? 
_refine.occupancy_min                            ? 
_refine.solvent_model_details                    'FLAT BULK SOLVENT MODEL' 
_refine.solvent_model_param_bsol                 ? 
_refine.solvent_model_param_ksol                 ? 
_refine.pdbx_R_complete                          ? 
_refine.ls_R_factor_gt                           ? 
_refine.ls_goodness_of_fit_gt                    ? 
_refine.ls_goodness_of_fit_ref                   ? 
_refine.ls_shift_over_su_max                     ? 
_refine.ls_shift_over_su_max_lt                  ? 
_refine.ls_shift_over_su_mean                    ? 
_refine.ls_shift_over_su_mean_lt                 ? 
_refine.pdbx_ls_sigma_I                          ? 
_refine.pdbx_ls_sigma_F                          1.360 
_refine.pdbx_ls_sigma_Fsqd                       ? 
_refine.pdbx_data_cutoff_high_absF               ? 
_refine.pdbx_data_cutoff_high_rms_absF           ? 
_refine.pdbx_data_cutoff_low_absF                ? 
_refine.pdbx_isotropic_thermal_model             ? 
_refine.pdbx_ls_cross_valid_method               THROUGHOUT 
_refine.pdbx_method_to_determine_struct          'MOLECULAR REPLACEMENT' 
_refine.pdbx_starting_model                      ? 
_refine.pdbx_stereochemistry_target_values       ML 
_refine.pdbx_R_Free_selection_details            ? 
_refine.pdbx_stereochem_target_val_spec_case     ? 
_refine.pdbx_overall_ESU_R                       ? 
_refine.pdbx_overall_ESU_R_Free                  ? 
_refine.pdbx_solvent_vdw_probe_radii             1.1100 
_refine.pdbx_solvent_ion_probe_radii             ? 
_refine.pdbx_solvent_shrinkage_radii             0.9000 
_refine.pdbx_real_space_R                        ? 
_refine.pdbx_density_correlation                 ? 
_refine.pdbx_pd_number_of_powder_patterns        ? 
_refine.pdbx_pd_number_of_points                 ? 
_refine.pdbx_pd_meas_number_of_points            ? 
_refine.pdbx_pd_proc_ls_prof_R_factor            ? 
_refine.pdbx_pd_proc_ls_prof_wR_factor           ? 
_refine.pdbx_pd_Marquardt_correlation_coeff      ? 
_refine.pdbx_pd_Fsqrd_R_factor                   ? 
_refine.pdbx_pd_ls_matrix_band_width             ? 
_refine.pdbx_overall_phase_error                 21.4500 
_refine.pdbx_overall_SU_R_free_Cruickshank_DPI   ? 
_refine.pdbx_overall_SU_R_free_Blow_DPI          ? 
_refine.pdbx_overall_SU_R_Blow_DPI               ? 
_refine.pdbx_TLS_residual_ADP_flag               ? 
_refine.pdbx_diffrn_id                           1 
_refine.overall_SU_B                             ? 
_refine.overall_SU_ML                            0.2200 
_refine.overall_SU_R_Cruickshank_DPI             ? 
_refine.overall_SU_R_free                        ? 
_refine.overall_FOM_free_R_set                   ? 
_refine.overall_FOM_work_R_set                   ? 
_refine.pdbx_average_fsc_overall                 ? 
_refine.pdbx_average_fsc_work                    ? 
_refine.pdbx_average_fsc_free                    ? 
# 
_refine_hist.pdbx_refine_id                   'X-RAY DIFFRACTION' 
_refine_hist.cycle_id                         final 
_refine_hist.details                          ? 
_refine_hist.d_res_high                       2.1540 
_refine_hist.d_res_low                        36.1600 
_refine_hist.number_atoms_solvent             23 
_refine_hist.number_atoms_total               765 
_refine_hist.number_reflns_all                ? 
_refine_hist.number_reflns_obs                ? 
_refine_hist.number_reflns_R_free             ? 
_refine_hist.number_reflns_R_work             ? 
_refine_hist.R_factor_all                     ? 
_refine_hist.R_factor_obs                     ? 
_refine_hist.R_factor_R_free                  ? 
_refine_hist.R_factor_R_work                  ? 
_refine_hist.pdbx_number_residues_total       96 
_refine_hist.pdbx_B_iso_mean_ligand           ? 
_refine_hist.pdbx_B_iso_mean_solvent          32.06 
_refine_hist.pdbx_number_atoms_protein        742 
_refine_hist.pdbx_number_atoms_nucleic_acid   0 
_refine_hist.pdbx_number_atoms_ligand         0 
_refine_hist.pdbx_number_atoms_lipid          ? 
_refine_hist.pdbx_number_atoms_carb           ? 
_refine_hist.pdbx_pseudo_atom_details         ? 
# 
loop_
_refine_ls_restr.pdbx_refine_id 
_refine_ls_restr.criterion 
_refine_ls_restr.dev_ideal 
_refine_ls_restr.dev_ideal_target 
_refine_ls_restr.number 
_refine_ls_restr.rejects 
_refine_ls_restr.type 
_refine_ls_restr.weight 
_refine_ls_restr.pdbx_restraint_function 
'X-RAY DIFFRACTION' ? 0.010  ? 753  ? f_bond_d           ? ? 
'X-RAY DIFFRACTION' ? 1.344  ? 1008 ? f_angle_d          ? ? 
'X-RAY DIFFRACTION' ? 0.061  ? 106  ? f_chiral_restr     ? ? 
'X-RAY DIFFRACTION' ? 0.007  ? 134  ? f_plane_restr      ? ? 
'X-RAY DIFFRACTION' ? 17.747 ? 454  ? f_dihedral_angle_d ? ? 
# 
_refine_ls_shell.pdbx_refine_id                   'X-RAY DIFFRACTION' 
_refine_ls_shell.d_res_high                       2.154 
_refine_ls_shell.d_res_low                        36.1600 
_refine_ls_shell.number_reflns_all                ? 
_refine_ls_shell.number_reflns_obs                ? 
_refine_ls_shell.number_reflns_R_free             189 
_refine_ls_shell.number_reflns_R_work             3752 
_refine_ls_shell.percent_reflns_obs               64.0000 
_refine_ls_shell.percent_reflns_R_free            ? 
_refine_ls_shell.R_factor_all                     ? 
_refine_ls_shell.R_factor_obs                     ? 
_refine_ls_shell.R_factor_R_free                  0.2534 
_refine_ls_shell.R_factor_R_free_error            0.0000 
_refine_ls_shell.R_factor_R_work                  0.2060 
_refine_ls_shell.redundancy_reflns_all            ? 
_refine_ls_shell.redundancy_reflns_obs            ? 
_refine_ls_shell.wR_factor_all                    ? 
_refine_ls_shell.wR_factor_obs                    ? 
_refine_ls_shell.wR_factor_R_free                 ? 
_refine_ls_shell.wR_factor_R_work                 ? 
_refine_ls_shell.pdbx_R_complete                  ? 
_refine_ls_shell.pdbx_total_number_of_bins_used   ? 
_refine_ls_shell.pdbx_phase_error                 ? 
_refine_ls_shell.pdbx_fsc_work                    ? 
_refine_ls_shell.pdbx_fsc_free                    ? 
# 
_struct.entry_id                     6X23 
_struct.title                        'PDZ domain from choanoflagellate SHANK1 (mbSHANK1) bound to GIRK3 peptide' 
_struct.pdbx_model_details           ? 
_struct.pdbx_formula_weight          ? 
_struct.pdbx_formula_weight_method   ? 
_struct.pdbx_model_type_details      ? 
_struct.pdbx_CASP_flag               N 
# 
_struct_keywords.entry_id        6X23 
_struct_keywords.text            
'PDZ, protein-protein interaction, peptide-binding domain, choanoflagellate, Monosiga brevicollis, SIGNALING PROTEIN' 
_struct_keywords.pdbx_keywords   'SIGNALING PROTEIN' 
# 
loop_
_struct_asym.id 
_struct_asym.pdbx_blank_PDB_chainid_flag 
_struct_asym.pdbx_modified 
_struct_asym.entity_id 
_struct_asym.details 
A N N 1 ? 
B N N 2 ? 
C N N 3 ? 
D N N 3 ? 
# 
loop_
_struct_ref.id 
_struct_ref.db_name 
_struct_ref.db_code 
_struct_ref.pdbx_db_accession 
_struct_ref.pdbx_db_isoform 
_struct_ref.entity_id 
_struct_ref.pdbx_seq_one_letter_code 
_struct_ref.pdbx_align_begin 
1 UNP A9V7E4_MONBE A9V7E4 ? 1 
;QRNGRAPEGKMDLIIMRGDKGFGFRLSGATHSAAEQTAQGQWVRNVDPDGQAARAGLQAGDRLLELNGVDVSFWSHRKVV
DEIKRSGDVVAFRIARRLSPGPD
;
442 
2 UNP KCNJ9_HUMAN  Q92806 ? 2 LPPPESESKV 384 
# 
loop_
_struct_ref_seq.align_id 
_struct_ref_seq.ref_id 
_struct_ref_seq.pdbx_PDB_id_code 
_struct_ref_seq.pdbx_strand_id 
_struct_ref_seq.seq_align_beg 
_struct_ref_seq.pdbx_seq_align_beg_ins_code 
_struct_ref_seq.seq_align_end 
_struct_ref_seq.pdbx_seq_align_end_ins_code 
_struct_ref_seq.pdbx_db_accession 
_struct_ref_seq.db_align_beg 
_struct_ref_seq.pdbx_db_align_beg_ins_code 
_struct_ref_seq.db_align_end 
_struct_ref_seq.pdbx_db_align_end_ins_code 
_struct_ref_seq.pdbx_auth_seq_align_beg 
_struct_ref_seq.pdbx_auth_seq_align_end 
1 1 6X23 A 3 ? 105 ? A9V7E4 442 ? 544 ? 442 544 
2 2 6X23 B 1 ? 10  ? Q92806 384 ? 393 ? 1   10  
# 
loop_
_struct_ref_seq_dif.align_id 
_struct_ref_seq_dif.pdbx_pdb_id_code 
_struct_ref_seq_dif.mon_id 
_struct_ref_seq_dif.pdbx_pdb_strand_id 
_struct_ref_seq_dif.seq_num 
_struct_ref_seq_dif.pdbx_pdb_ins_code 
_struct_ref_seq_dif.pdbx_seq_db_name 
_struct_ref_seq_dif.pdbx_seq_db_accession_code 
_struct_ref_seq_dif.db_mon_id 
_struct_ref_seq_dif.pdbx_seq_db_seq_num 
_struct_ref_seq_dif.details 
_struct_ref_seq_dif.pdbx_auth_seq_num 
_struct_ref_seq_dif.pdbx_ordinal 
1 6X23 GLY A 1 ? UNP A9V7E4 ? ? 'expression tag' 440 1 
1 6X23 PRO A 2 ? UNP A9V7E4 ? ? 'expression tag' 441 2 
# 
_pdbx_struct_assembly.id                   1 
_pdbx_struct_assembly.details              author_and_software_defined_assembly 
_pdbx_struct_assembly.method_details       PISA 
_pdbx_struct_assembly.oligomeric_details   dimeric 
_pdbx_struct_assembly.oligomeric_count     2 
# 
loop_
_pdbx_struct_assembly_prop.biol_id 
_pdbx_struct_assembly_prop.type 
_pdbx_struct_assembly_prop.value 
_pdbx_struct_assembly_prop.details 
1 'ABSA (A^2)' 1040 ? 
1 MORE         -2   ? 
1 'SSA (A^2)'  5640 ? 
# 
_pdbx_struct_assembly_gen.assembly_id       1 
_pdbx_struct_assembly_gen.oper_expression   1 
_pdbx_struct_assembly_gen.asym_id_list      A,B,C,D 
# 
_pdbx_struct_assembly_auth_evidence.id                     1 
_pdbx_struct_assembly_auth_evidence.assembly_id            1 
_pdbx_struct_assembly_auth_evidence.experimental_support   'gel filtration' 
_pdbx_struct_assembly_auth_evidence.details                ? 
# 
_pdbx_struct_oper_list.id                   1 
_pdbx_struct_oper_list.type                 'identity operation' 
_pdbx_struct_oper_list.name                 1_555 
_pdbx_struct_oper_list.symmetry_operation   x,y,z 
_pdbx_struct_oper_list.matrix[1][1]         1.0000000000 
_pdbx_struct_oper_list.matrix[1][2]         0.0000000000 
_pdbx_struct_oper_list.matrix[1][3]         0.0000000000 
_pdbx_struct_oper_list.vector[1]            0.0000000000 
_pdbx_struct_oper_list.matrix[2][1]         0.0000000000 
_pdbx_struct_oper_list.matrix[2][2]         1.0000000000 
_pdbx_struct_oper_list.matrix[2][3]         0.0000000000 
_pdbx_struct_oper_list.vector[2]            0.0000000000 
_pdbx_struct_oper_list.matrix[3][1]         0.0000000000 
_pdbx_struct_oper_list.matrix[3][2]         0.0000000000 
_pdbx_struct_oper_list.matrix[3][3]         1.0000000000 
_pdbx_struct_oper_list.vector[3]            0.0000000000 
# 
loop_
_struct_conf.conf_type_id 
_struct_conf.id 
_struct_conf.pdbx_PDB_helix_id 
_struct_conf.beg_label_comp_id 
_struct_conf.beg_label_asym_id 
_struct_conf.beg_label_seq_id 
_struct_conf.pdbx_beg_PDB_ins_code 
_struct_conf.end_label_comp_id 
_struct_conf.end_label_asym_id 
_struct_conf.end_label_seq_id 
_struct_conf.pdbx_end_PDB_ins_code 
_struct_conf.beg_auth_comp_id 
_struct_conf.beg_auth_asym_id 
_struct_conf.beg_auth_seq_id 
_struct_conf.end_auth_comp_id 
_struct_conf.end_auth_asym_id 
_struct_conf.end_auth_seq_id 
_struct_conf.pdbx_PDB_helix_class 
_struct_conf.details 
_struct_conf.pdbx_PDB_helix_length 
HELX_P HELX_P1 AA1 GLY A 52 ? GLY A 58 ? GLY A 491 GLY A 497 1 ? 7  
HELX_P HELX_P2 AA2 SER A 77 ? SER A 88 ? SER A 516 SER A 527 1 ? 12 
# 
_struct_conf_type.id          HELX_P 
_struct_conf_type.criteria    ? 
_struct_conf_type.reference   ? 
# 
loop_
_struct_sheet.id 
_struct_sheet.type 
_struct_sheet.number_strands 
_struct_sheet.details 
AA1 ? 4 ? 
AA2 ? 3 ? 
# 
loop_
_struct_sheet_order.sheet_id 
_struct_sheet_order.range_id_1 
_struct_sheet_order.range_id_2 
_struct_sheet_order.offset 
_struct_sheet_order.sense 
AA1 1 2 ? anti-parallel 
AA1 2 3 ? anti-parallel 
AA1 3 4 ? anti-parallel 
AA2 1 2 ? anti-parallel 
AA2 2 3 ? anti-parallel 
# 
loop_
_struct_sheet_range.sheet_id 
_struct_sheet_range.id 
_struct_sheet_range.beg_label_comp_id 
_struct_sheet_range.beg_label_asym_id 
_struct_sheet_range.beg_label_seq_id 
_struct_sheet_range.pdbx_beg_PDB_ins_code 
_struct_sheet_range.end_label_comp_id 
_struct_sheet_range.end_label_asym_id 
_struct_sheet_range.end_label_seq_id 
_struct_sheet_range.pdbx_end_PDB_ins_code 
_struct_sheet_range.beg_auth_comp_id 
_struct_sheet_range.beg_auth_asym_id 
_struct_sheet_range.beg_auth_seq_id 
_struct_sheet_range.end_auth_comp_id 
_struct_sheet_range.end_auth_asym_id 
_struct_sheet_range.end_auth_seq_id 
AA1 1 GLU A 10 ? MET A 18 ? GLU A 449 MET A 457 
AA1 2 VAL A 91 ? ARG A 99 ? VAL A 530 ARG A 538 
AA1 3 ARG A 64 ? LEU A 68 ? ARG A 503 LEU A 507 
AA1 4 VAL A 71 ? ASP A 72 ? VAL A 510 ASP A 511 
AA2 1 TRP A 44 ? VAL A 48 ? TRP A 483 VAL A 487 
AA2 2 PHE A 26 ? SER A 29 ? PHE A 465 SER A 468 
AA2 3 GLU B 7  ? LYS B 9  ? GLU B 7   LYS B 9   
# 
loop_
_pdbx_struct_sheet_hbond.sheet_id 
_pdbx_struct_sheet_hbond.range_id_1 
_pdbx_struct_sheet_hbond.range_id_2 
_pdbx_struct_sheet_hbond.range_1_label_atom_id 
_pdbx_struct_sheet_hbond.range_1_label_comp_id 
_pdbx_struct_sheet_hbond.range_1_label_asym_id 
_pdbx_struct_sheet_hbond.range_1_label_seq_id 
_pdbx_struct_sheet_hbond.range_1_PDB_ins_code 
_pdbx_struct_sheet_hbond.range_1_auth_atom_id 
_pdbx_struct_sheet_hbond.range_1_auth_comp_id 
_pdbx_struct_sheet_hbond.range_1_auth_asym_id 
_pdbx_struct_sheet_hbond.range_1_auth_seq_id 
_pdbx_struct_sheet_hbond.range_2_label_atom_id 
_pdbx_struct_sheet_hbond.range_2_label_comp_id 
_pdbx_struct_sheet_hbond.range_2_label_asym_id 
_pdbx_struct_sheet_hbond.range_2_label_seq_id 
_pdbx_struct_sheet_hbond.range_2_PDB_ins_code 
_pdbx_struct_sheet_hbond.range_2_auth_atom_id 
_pdbx_struct_sheet_hbond.range_2_auth_comp_id 
_pdbx_struct_sheet_hbond.range_2_auth_asym_id 
_pdbx_struct_sheet_hbond.range_2_auth_seq_id 
AA1 1 2 N LEU A 15 ? N LEU A 454 O PHE A 94 ? O PHE A 533 
AA1 2 3 O ARG A 95 ? O ARG A 534 N LEU A 66 ? N LEU A 505 
AA1 3 4 N LEU A 68 ? N LEU A 507 O VAL A 71 ? O VAL A 510 
AA2 1 2 O TRP A 44 ? O TRP A 483 N SER A 29 ? N SER A 468 
AA2 2 3 N LEU A 28 ? N LEU A 467 O SER B 8  ? O SER B 8   
# 
loop_
_pdbx_validate_close_contact.id 
_pdbx_validate_close_contact.PDB_model_num 
_pdbx_validate_close_contact.auth_atom_id_1 
_pdbx_validate_close_contact.auth_asym_id_1 
_pdbx_validate_close_contact.auth_comp_id_1 
_pdbx_validate_close_contact.auth_seq_id_1 
_pdbx_validate_close_contact.PDB_ins_code_1 
_pdbx_validate_close_contact.label_alt_id_1 
_pdbx_validate_close_contact.auth_atom_id_2 
_pdbx_validate_close_contact.auth_asym_id_2 
_pdbx_validate_close_contact.auth_comp_id_2 
_pdbx_validate_close_contact.auth_seq_id_2 
_pdbx_validate_close_contact.PDB_ins_code_2 
_pdbx_validate_close_contact.label_alt_id_2 
_pdbx_validate_close_contact.dist 
1 1 O   A HOH 606 ? ? O  A HOH 615 ? ? 2.10 
2 1 OG1 A THR 471 ? ? OG B SER 6   ? ? 2.16 
# 
loop_
_pdbx_validate_torsion.id 
_pdbx_validate_torsion.PDB_model_num 
_pdbx_validate_torsion.auth_comp_id 
_pdbx_validate_torsion.auth_asym_id 
_pdbx_validate_torsion.auth_seq_id 
_pdbx_validate_torsion.PDB_ins_code 
_pdbx_validate_torsion.label_alt_id 
_pdbx_validate_torsion.phi 
_pdbx_validate_torsion.psi 
1 1 GLN A 480 ? ? -150.28 -60.97 
2 1 SER B 6   ? ? 175.37  111.59 
# 
loop_
_pdbx_unobs_or_zero_occ_residues.id 
_pdbx_unobs_or_zero_occ_residues.PDB_model_num 
_pdbx_unobs_or_zero_occ_residues.polymer_flag 
_pdbx_unobs_or_zero_occ_residues.occupancy_flag 
_pdbx_unobs_or_zero_occ_residues.auth_asym_id 
_pdbx_unobs_or_zero_occ_residues.auth_comp_id 
_pdbx_unobs_or_zero_occ_residues.auth_seq_id 
_pdbx_unobs_or_zero_occ_residues.PDB_ins_code 
_pdbx_unobs_or_zero_occ_residues.label_asym_id 
_pdbx_unobs_or_zero_occ_residues.label_comp_id 
_pdbx_unobs_or_zero_occ_residues.label_seq_id 
1  1 Y 1 A GLY 440 ? A GLY 1   
2  1 Y 1 A PRO 441 ? A PRO 2   
3  1 Y 1 A GLN 442 ? A GLN 3   
4  1 Y 1 A ARG 443 ? A ARG 4   
5  1 Y 1 A ASN 444 ? A ASN 5   
6  1 Y 1 A GLY 445 ? A GLY 6   
7  1 Y 1 A ARG 446 ? A ARG 7   
8  1 Y 1 A SER 473 ? A SER 34  
9  1 Y 1 A ALA 474 ? A ALA 35  
10 1 Y 1 A ALA 475 ? A ALA 36  
11 1 Y 1 A GLU 476 ? A GLU 37  
12 1 Y 1 A GLN 477 ? A GLN 38  
13 1 Y 1 A THR 478 ? A THR 39  
14 1 Y 1 A GLY 542 ? A GLY 103 
15 1 Y 1 A PRO 543 ? A PRO 104 
16 1 Y 1 A ASP 544 ? A ASP 105 
17 1 Y 1 B LEU 1   ? B LEU 1   
18 1 Y 1 B PRO 2   ? B PRO 2   
19 1 Y 1 B PRO 3   ? B PRO 3   
# 
loop_
_chem_comp_atom.comp_id 
_chem_comp_atom.atom_id 
_chem_comp_atom.type_symbol 
_chem_comp_atom.pdbx_aromatic_flag 
_chem_comp_atom.pdbx_stereo_config 
_chem_comp_atom.pdbx_ordinal 
ALA N    N N N 1   
ALA CA   C N S 2   
ALA C    C N N 3   
ALA O    O N N 4   
ALA CB   C N N 5   
ALA OXT  O N N 6   
ALA H    H N N 7   
ALA H2   H N N 8   
ALA HA   H N N 9   
ALA HB1  H N N 10  
ALA HB2  H N N 11  
ALA HB3  H N N 12  
ALA HXT  H N N 13  
ARG N    N N N 14  
ARG CA   C N S 15  
ARG C    C N N 16  
ARG O    O N N 17  
ARG CB   C N N 18  
ARG CG   C N N 19  
ARG CD   C N N 20  
ARG NE   N N N 21  
ARG CZ   C N N 22  
ARG NH1  N N N 23  
ARG NH2  N N N 24  
ARG OXT  O N N 25  
ARG H    H N N 26  
ARG H2   H N N 27  
ARG HA   H N N 28  
ARG HB2  H N N 29  
ARG HB3  H N N 30  
ARG HG2  H N N 31  
ARG HG3  H N N 32  
ARG HD2  H N N 33  
ARG HD3  H N N 34  
ARG HE   H N N 35  
ARG HH11 H N N 36  
ARG HH12 H N N 37  
ARG HH21 H N N 38  
ARG HH22 H N N 39  
ARG HXT  H N N 40  
ASN N    N N N 41  
ASN CA   C N S 42  
ASN C    C N N 43  
ASN O    O N N 44  
ASN CB   C N N 45  
ASN CG   C N N 46  
ASN OD1  O N N 47  
ASN ND2  N N N 48  
ASN OXT  O N N 49  
ASN H    H N N 50  
ASN H2   H N N 51  
ASN HA   H N N 52  
ASN HB2  H N N 53  
ASN HB3  H N N 54  
ASN HD21 H N N 55  
ASN HD22 H N N 56  
ASN HXT  H N N 57  
ASP N    N N N 58  
ASP CA   C N S 59  
ASP C    C N N 60  
ASP O    O N N 61  
ASP CB   C N N 62  
ASP CG   C N N 63  
ASP OD1  O N N 64  
ASP OD2  O N N 65  
ASP OXT  O N N 66  
ASP H    H N N 67  
ASP H2   H N N 68  
ASP HA   H N N 69  
ASP HB2  H N N 70  
ASP HB3  H N N 71  
ASP HD2  H N N 72  
ASP HXT  H N N 73  
GLN N    N N N 74  
GLN CA   C N S 75  
GLN C    C N N 76  
GLN O    O N N 77  
GLN CB   C N N 78  
GLN CG   C N N 79  
GLN CD   C N N 80  
GLN OE1  O N N 81  
GLN NE2  N N N 82  
GLN OXT  O N N 83  
GLN H    H N N 84  
GLN H2   H N N 85  
GLN HA   H N N 86  
GLN HB2  H N N 87  
GLN HB3  H N N 88  
GLN HG2  H N N 89  
GLN HG3  H N N 90  
GLN HE21 H N N 91  
GLN HE22 H N N 92  
GLN HXT  H N N 93  
GLU N    N N N 94  
GLU CA   C N S 95  
GLU C    C N N 96  
GLU O    O N N 97  
GLU CB   C N N 98  
GLU CG   C N N 99  
GLU CD   C N N 100 
GLU OE1  O N N 101 
GLU OE2  O N N 102 
GLU OXT  O N N 103 
GLU H    H N N 104 
GLU H2   H N N 105 
GLU HA   H N N 106 
GLU HB2  H N N 107 
GLU HB3  H N N 108 
GLU HG2  H N N 109 
GLU HG3  H N N 110 
GLU HE2  H N N 111 
GLU HXT  H N N 112 
GLY N    N N N 113 
GLY CA   C N N 114 
GLY C    C N N 115 
GLY O    O N N 116 
GLY OXT  O N N 117 
GLY H    H N N 118 
GLY H2   H N N 119 
GLY HA2  H N N 120 
GLY HA3  H N N 121 
GLY HXT  H N N 122 
HIS N    N N N 123 
HIS CA   C N S 124 
HIS C    C N N 125 
HIS O    O N N 126 
HIS CB   C N N 127 
HIS CG   C Y N 128 
HIS ND1  N Y N 129 
HIS CD2  C Y N 130 
HIS CE1  C Y N 131 
HIS NE2  N Y N 132 
HIS OXT  O N N 133 
HIS H    H N N 134 
HIS H2   H N N 135 
HIS HA   H N N 136 
HIS HB2  H N N 137 
HIS HB3  H N N 138 
HIS HD1  H N N 139 
HIS HD2  H N N 140 
HIS HE1  H N N 141 
HIS HE2  H N N 142 
HIS HXT  H N N 143 
HOH O    O N N 144 
HOH H1   H N N 145 
HOH H2   H N N 146 
ILE N    N N N 147 
ILE CA   C N S 148 
ILE C    C N N 149 
ILE O    O N N 150 
ILE CB   C N S 151 
ILE CG1  C N N 152 
ILE CG2  C N N 153 
ILE CD1  C N N 154 
ILE OXT  O N N 155 
ILE H    H N N 156 
ILE H2   H N N 157 
ILE HA   H N N 158 
ILE HB   H N N 159 
ILE HG12 H N N 160 
ILE HG13 H N N 161 
ILE HG21 H N N 162 
ILE HG22 H N N 163 
ILE HG23 H N N 164 
ILE HD11 H N N 165 
ILE HD12 H N N 166 
ILE HD13 H N N 167 
ILE HXT  H N N 168 
LEU N    N N N 169 
LEU CA   C N S 170 
LEU C    C N N 171 
LEU O    O N N 172 
LEU CB   C N N 173 
LEU CG   C N N 174 
LEU CD1  C N N 175 
LEU CD2  C N N 176 
LEU OXT  O N N 177 
LEU H    H N N 178 
LEU H2   H N N 179 
LEU HA   H N N 180 
LEU HB2  H N N 181 
LEU HB3  H N N 182 
LEU HG   H N N 183 
LEU HD11 H N N 184 
LEU HD12 H N N 185 
LEU HD13 H N N 186 
LEU HD21 H N N 187 
LEU HD22 H N N 188 
LEU HD23 H N N 189 
LEU HXT  H N N 190 
LYS N    N N N 191 
LYS CA   C N S 192 
LYS C    C N N 193 
LYS O    O N N 194 
LYS CB   C N N 195 
LYS CG   C N N 196 
LYS CD   C N N 197 
LYS CE   C N N 198 
LYS NZ   N N N 199 
LYS OXT  O N N 200 
LYS H    H N N 201 
LYS H2   H N N 202 
LYS HA   H N N 203 
LYS HB2  H N N 204 
LYS HB3  H N N 205 
LYS HG2  H N N 206 
LYS HG3  H N N 207 
LYS HD2  H N N 208 
LYS HD3  H N N 209 
LYS HE2  H N N 210 
LYS HE3  H N N 211 
LYS HZ1  H N N 212 
LYS HZ2  H N N 213 
LYS HZ3  H N N 214 
LYS HXT  H N N 215 
MET N    N N N 216 
MET CA   C N S 217 
MET C    C N N 218 
MET O    O N N 219 
MET CB   C N N 220 
MET CG   C N N 221 
MET SD   S N N 222 
MET CE   C N N 223 
MET OXT  O N N 224 
MET H    H N N 225 
MET H2   H N N 226 
MET HA   H N N 227 
MET HB2  H N N 228 
MET HB3  H N N 229 
MET HG2  H N N 230 
MET HG3  H N N 231 
MET HE1  H N N 232 
MET HE2  H N N 233 
MET HE3  H N N 234 
MET HXT  H N N 235 
PHE N    N N N 236 
PHE CA   C N S 237 
PHE C    C N N 238 
PHE O    O N N 239 
PHE CB   C N N 240 
PHE CG   C Y N 241 
PHE CD1  C Y N 242 
PHE CD2  C Y N 243 
PHE CE1  C Y N 244 
PHE CE2  C Y N 245 
PHE CZ   C Y N 246 
PHE OXT  O N N 247 
PHE H    H N N 248 
PHE H2   H N N 249 
PHE HA   H N N 250 
PHE HB2  H N N 251 
PHE HB3  H N N 252 
PHE HD1  H N N 253 
PHE HD2  H N N 254 
PHE HE1  H N N 255 
PHE HE2  H N N 256 
PHE HZ   H N N 257 
PHE HXT  H N N 258 
PRO N    N N N 259 
PRO CA   C N S 260 
PRO C    C N N 261 
PRO O    O N N 262 
PRO CB   C N N 263 
PRO CG   C N N 264 
PRO CD   C N N 265 
PRO OXT  O N N 266 
PRO H    H N N 267 
PRO HA   H N N 268 
PRO HB2  H N N 269 
PRO HB3  H N N 270 
PRO HG2  H N N 271 
PRO HG3  H N N 272 
PRO HD2  H N N 273 
PRO HD3  H N N 274 
PRO HXT  H N N 275 
SER N    N N N 276 
SER CA   C N S 277 
SER C    C N N 278 
SER O    O N N 279 
SER CB   C N N 280 
SER OG   O N N 281 
SER OXT  O N N 282 
SER H    H N N 283 
SER H2   H N N 284 
SER HA   H N N 285 
SER HB2  H N N 286 
SER HB3  H N N 287 
SER HG   H N N 288 
SER HXT  H N N 289 
THR N    N N N 290 
THR CA   C N S 291 
THR C    C N N 292 
THR O    O N N 293 
THR CB   C N R 294 
THR OG1  O N N 295 
THR CG2  C N N 296 
THR OXT  O N N 297 
THR H    H N N 298 
THR H2   H N N 299 
THR HA   H N N 300 
THR HB   H N N 301 
THR HG1  H N N 302 
THR HG21 H N N 303 
THR HG22 H N N 304 
THR HG23 H N N 305 
THR HXT  H N N 306 
TRP N    N N N 307 
TRP CA   C N S 308 
TRP C    C N N 309 
TRP O    O N N 310 
TRP CB   C N N 311 
TRP CG   C Y N 312 
TRP CD1  C Y N 313 
TRP CD2  C Y N 314 
TRP NE1  N Y N 315 
TRP CE2  C Y N 316 
TRP CE3  C Y N 317 
TRP CZ2  C Y N 318 
TRP CZ3  C Y N 319 
TRP CH2  C Y N 320 
TRP OXT  O N N 321 
TRP H    H N N 322 
TRP H2   H N N 323 
TRP HA   H N N 324 
TRP HB2  H N N 325 
TRP HB3  H N N 326 
TRP HD1  H N N 327 
TRP HE1  H N N 328 
TRP HE3  H N N 329 
TRP HZ2  H N N 330 
TRP HZ3  H N N 331 
TRP HH2  H N N 332 
TRP HXT  H N N 333 
VAL N    N N N 334 
VAL CA   C N S 335 
VAL C    C N N 336 
VAL O    O N N 337 
VAL CB   C N N 338 
VAL CG1  C N N 339 
VAL CG2  C N N 340 
VAL OXT  O N N 341 
VAL H    H N N 342 
VAL H2   H N N 343 
VAL HA   H N N 344 
VAL HB   H N N 345 
VAL HG11 H N N 346 
VAL HG12 H N N 347 
VAL HG13 H N N 348 
VAL HG21 H N N 349 
VAL HG22 H N N 350 
VAL HG23 H N N 351 
VAL HXT  H N N 352 
# 
loop_
_chem_comp_bond.comp_id 
_chem_comp_bond.atom_id_1 
_chem_comp_bond.atom_id_2 
_chem_comp_bond.value_order 
_chem_comp_bond.pdbx_aromatic_flag 
_chem_comp_bond.pdbx_stereo_config 
_chem_comp_bond.pdbx_ordinal 
ALA N   CA   sing N N 1   
ALA N   H    sing N N 2   
ALA N   H2   sing N N 3   
ALA CA  C    sing N N 4   
ALA CA  CB   sing N N 5   
ALA CA  HA   sing N N 6   
ALA C   O    doub N N 7   
ALA C   OXT  sing N N 8   
ALA CB  HB1  sing N N 9   
ALA CB  HB2  sing N N 10  
ALA CB  HB3  sing N N 11  
ALA OXT HXT  sing N N 12  
ARG N   CA   sing N N 13  
ARG N   H    sing N N 14  
ARG N   H2   sing N N 15  
ARG CA  C    sing N N 16  
ARG CA  CB   sing N N 17  
ARG CA  HA   sing N N 18  
ARG C   O    doub N N 19  
ARG C   OXT  sing N N 20  
ARG CB  CG   sing N N 21  
ARG CB  HB2  sing N N 22  
ARG CB  HB3  sing N N 23  
ARG CG  CD   sing N N 24  
ARG CG  HG2  sing N N 25  
ARG CG  HG3  sing N N 26  
ARG CD  NE   sing N N 27  
ARG CD  HD2  sing N N 28  
ARG CD  HD3  sing N N 29  
ARG NE  CZ   sing N N 30  
ARG NE  HE   sing N N 31  
ARG CZ  NH1  sing N N 32  
ARG CZ  NH2  doub N N 33  
ARG NH1 HH11 sing N N 34  
ARG NH1 HH12 sing N N 35  
ARG NH2 HH21 sing N N 36  
ARG NH2 HH22 sing N N 37  
ARG OXT HXT  sing N N 38  
ASN N   CA   sing N N 39  
ASN N   H    sing N N 40  
ASN N   H2   sing N N 41  
ASN CA  C    sing N N 42  
ASN CA  CB   sing N N 43  
ASN CA  HA   sing N N 44  
ASN C   O    doub N N 45  
ASN C   OXT  sing N N 46  
ASN CB  CG   sing N N 47  
ASN CB  HB2  sing N N 48  
ASN CB  HB3  sing N N 49  
ASN CG  OD1  doub N N 50  
ASN CG  ND2  sing N N 51  
ASN ND2 HD21 sing N N 52  
ASN ND2 HD22 sing N N 53  
ASN OXT HXT  sing N N 54  
ASP N   CA   sing N N 55  
ASP N   H    sing N N 56  
ASP N   H2   sing N N 57  
ASP CA  C    sing N N 58  
ASP CA  CB   sing N N 59  
ASP CA  HA   sing N N 60  
ASP C   O    doub N N 61  
ASP C   OXT  sing N N 62  
ASP CB  CG   sing N N 63  
ASP CB  HB2  sing N N 64  
ASP CB  HB3  sing N N 65  
ASP CG  OD1  doub N N 66  
ASP CG  OD2  sing N N 67  
ASP OD2 HD2  sing N N 68  
ASP OXT HXT  sing N N 69  
GLN N   CA   sing N N 70  
GLN N   H    sing N N 71  
GLN N   H2   sing N N 72  
GLN CA  C    sing N N 73  
GLN CA  CB   sing N N 74  
GLN CA  HA   sing N N 75  
GLN C   O    doub N N 76  
GLN C   OXT  sing N N 77  
GLN CB  CG   sing N N 78  
GLN CB  HB2  sing N N 79  
GLN CB  HB3  sing N N 80  
GLN CG  CD   sing N N 81  
GLN CG  HG2  sing N N 82  
GLN CG  HG3  sing N N 83  
GLN CD  OE1  doub N N 84  
GLN CD  NE2  sing N N 85  
GLN NE2 HE21 sing N N 86  
GLN NE2 HE22 sing N N 87  
GLN OXT HXT  sing N N 88  
GLU N   CA   sing N N 89  
GLU N   H    sing N N 90  
GLU N   H2   sing N N 91  
GLU CA  C    sing N N 92  
GLU CA  CB   sing N N 93  
GLU CA  HA   sing N N 94  
GLU C   O    doub N N 95  
GLU C   OXT  sing N N 96  
GLU CB  CG   sing N N 97  
GLU CB  HB2  sing N N 98  
GLU CB  HB3  sing N N 99  
GLU CG  CD   sing N N 100 
GLU CG  HG2  sing N N 101 
GLU CG  HG3  sing N N 102 
GLU CD  OE1  doub N N 103 
GLU CD  OE2  sing N N 104 
GLU OE2 HE2  sing N N 105 
GLU OXT HXT  sing N N 106 
GLY N   CA   sing N N 107 
GLY N   H    sing N N 108 
GLY N   H2   sing N N 109 
GLY CA  C    sing N N 110 
GLY CA  HA2  sing N N 111 
GLY CA  HA3  sing N N 112 
GLY C   O    doub N N 113 
GLY C   OXT  sing N N 114 
GLY OXT HXT  sing N N 115 
HIS N   CA   sing N N 116 
HIS N   H    sing N N 117 
HIS N   H2   sing N N 118 
HIS CA  C    sing N N 119 
HIS CA  CB   sing N N 120 
HIS CA  HA   sing N N 121 
HIS C   O    doub N N 122 
HIS C   OXT  sing N N 123 
HIS CB  CG   sing N N 124 
HIS CB  HB2  sing N N 125 
HIS CB  HB3  sing N N 126 
HIS CG  ND1  sing Y N 127 
HIS CG  CD2  doub Y N 128 
HIS ND1 CE1  doub Y N 129 
HIS ND1 HD1  sing N N 130 
HIS CD2 NE2  sing Y N 131 
HIS CD2 HD2  sing N N 132 
HIS CE1 NE2  sing Y N 133 
HIS CE1 HE1  sing N N 134 
HIS NE2 HE2  sing N N 135 
HIS OXT HXT  sing N N 136 
HOH O   H1   sing N N 137 
HOH O   H2   sing N N 138 
ILE N   CA   sing N N 139 
ILE N   H    sing N N 140 
ILE N   H2   sing N N 141 
ILE CA  C    sing N N 142 
ILE CA  CB   sing N N 143 
ILE CA  HA   sing N N 144 
ILE C   O    doub N N 145 
ILE C   OXT  sing N N 146 
ILE CB  CG1  sing N N 147 
ILE CB  CG2  sing N N 148 
ILE CB  HB   sing N N 149 
ILE CG1 CD1  sing N N 150 
ILE CG1 HG12 sing N N 151 
ILE CG1 HG13 sing N N 152 
ILE CG2 HG21 sing N N 153 
ILE CG2 HG22 sing N N 154 
ILE CG2 HG23 sing N N 155 
ILE CD1 HD11 sing N N 156 
ILE CD1 HD12 sing N N 157 
ILE CD1 HD13 sing N N 158 
ILE OXT HXT  sing N N 159 
LEU N   CA   sing N N 160 
LEU N   H    sing N N 161 
LEU N   H2   sing N N 162 
LEU CA  C    sing N N 163 
LEU CA  CB   sing N N 164 
LEU CA  HA   sing N N 165 
LEU C   O    doub N N 166 
LEU C   OXT  sing N N 167 
LEU CB  CG   sing N N 168 
LEU CB  HB2  sing N N 169 
LEU CB  HB3  sing N N 170 
LEU CG  CD1  sing N N 171 
LEU CG  CD2  sing N N 172 
LEU CG  HG   sing N N 173 
LEU CD1 HD11 sing N N 174 
LEU CD1 HD12 sing N N 175 
LEU CD1 HD13 sing N N 176 
LEU CD2 HD21 sing N N 177 
LEU CD2 HD22 sing N N 178 
LEU CD2 HD23 sing N N 179 
LEU OXT HXT  sing N N 180 
LYS N   CA   sing N N 181 
LYS N   H    sing N N 182 
LYS N   H2   sing N N 183 
LYS CA  C    sing N N 184 
LYS CA  CB   sing N N 185 
LYS CA  HA   sing N N 186 
LYS C   O    doub N N 187 
LYS C   OXT  sing N N 188 
LYS CB  CG   sing N N 189 
LYS CB  HB2  sing N N 190 
LYS CB  HB3  sing N N 191 
LYS CG  CD   sing N N 192 
LYS CG  HG2  sing N N 193 
LYS CG  HG3  sing N N 194 
LYS CD  CE   sing N N 195 
LYS CD  HD2  sing N N 196 
LYS CD  HD3  sing N N 197 
LYS CE  NZ   sing N N 198 
LYS CE  HE2  sing N N 199 
LYS CE  HE3  sing N N 200 
LYS NZ  HZ1  sing N N 201 
LYS NZ  HZ2  sing N N 202 
LYS NZ  HZ3  sing N N 203 
LYS OXT HXT  sing N N 204 
MET N   CA   sing N N 205 
MET N   H    sing N N 206 
MET N   H2   sing N N 207 
MET CA  C    sing N N 208 
MET CA  CB   sing N N 209 
MET CA  HA   sing N N 210 
MET C   O    doub N N 211 
MET C   OXT  sing N N 212 
MET CB  CG   sing N N 213 
MET CB  HB2  sing N N 214 
MET CB  HB3  sing N N 215 
MET CG  SD   sing N N 216 
MET CG  HG2  sing N N 217 
MET CG  HG3  sing N N 218 
MET SD  CE   sing N N 219 
MET CE  HE1  sing N N 220 
MET CE  HE2  sing N N 221 
MET CE  HE3  sing N N 222 
MET OXT HXT  sing N N 223 
PHE N   CA   sing N N 224 
PHE N   H    sing N N 225 
PHE N   H2   sing N N 226 
PHE CA  C    sing N N 227 
PHE CA  CB   sing N N 228 
PHE CA  HA   sing N N 229 
PHE C   O    doub N N 230 
PHE C   OXT  sing N N 231 
PHE CB  CG   sing N N 232 
PHE CB  HB2  sing N N 233 
PHE CB  HB3  sing N N 234 
PHE CG  CD1  doub Y N 235 
PHE CG  CD2  sing Y N 236 
PHE CD1 CE1  sing Y N 237 
PHE CD1 HD1  sing N N 238 
PHE CD2 CE2  doub Y N 239 
PHE CD2 HD2  sing N N 240 
PHE CE1 CZ   doub Y N 241 
PHE CE1 HE1  sing N N 242 
PHE CE2 CZ   sing Y N 243 
PHE CE2 HE2  sing N N 244 
PHE CZ  HZ   sing N N 245 
PHE OXT HXT  sing N N 246 
PRO N   CA   sing N N 247 
PRO N   CD   sing N N 248 
PRO N   H    sing N N 249 
PRO CA  C    sing N N 250 
PRO CA  CB   sing N N 251 
PRO CA  HA   sing N N 252 
PRO C   O    doub N N 253 
PRO C   OXT  sing N N 254 
PRO CB  CG   sing N N 255 
PRO CB  HB2  sing N N 256 
PRO CB  HB3  sing N N 257 
PRO CG  CD   sing N N 258 
PRO CG  HG2  sing N N 259 
PRO CG  HG3  sing N N 260 
PRO CD  HD2  sing N N 261 
PRO CD  HD3  sing N N 262 
PRO OXT HXT  sing N N 263 
SER N   CA   sing N N 264 
SER N   H    sing N N 265 
SER N   H2   sing N N 266 
SER CA  C    sing N N 267 
SER CA  CB   sing N N 268 
SER CA  HA   sing N N 269 
SER C   O    doub N N 270 
SER C   OXT  sing N N 271 
SER CB  OG   sing N N 272 
SER CB  HB2  sing N N 273 
SER CB  HB3  sing N N 274 
SER OG  HG   sing N N 275 
SER OXT HXT  sing N N 276 
THR N   CA   sing N N 277 
THR N   H    sing N N 278 
THR N   H2   sing N N 279 
THR CA  C    sing N N 280 
THR CA  CB   sing N N 281 
THR CA  HA   sing N N 282 
THR C   O    doub N N 283 
THR C   OXT  sing N N 284 
THR CB  OG1  sing N N 285 
THR CB  CG2  sing N N 286 
THR CB  HB   sing N N 287 
THR OG1 HG1  sing N N 288 
THR CG2 HG21 sing N N 289 
THR CG2 HG22 sing N N 290 
THR CG2 HG23 sing N N 291 
THR OXT HXT  sing N N 292 
TRP N   CA   sing N N 293 
TRP N   H    sing N N 294 
TRP N   H2   sing N N 295 
TRP CA  C    sing N N 296 
TRP CA  CB   sing N N 297 
TRP CA  HA   sing N N 298 
TRP C   O    doub N N 299 
TRP C   OXT  sing N N 300 
TRP CB  CG   sing N N 301 
TRP CB  HB2  sing N N 302 
TRP CB  HB3  sing N N 303 
TRP CG  CD1  doub Y N 304 
TRP CG  CD2  sing Y N 305 
TRP CD1 NE1  sing Y N 306 
TRP CD1 HD1  sing N N 307 
TRP CD2 CE2  doub Y N 308 
TRP CD2 CE3  sing Y N 309 
TRP NE1 CE2  sing Y N 310 
TRP NE1 HE1  sing N N 311 
TRP CE2 CZ2  sing Y N 312 
TRP CE3 CZ3  doub Y N 313 
TRP CE3 HE3  sing N N 314 
TRP CZ2 CH2  doub Y N 315 
TRP CZ2 HZ2  sing N N 316 
TRP CZ3 CH2  sing Y N 317 
TRP CZ3 HZ3  sing N N 318 
TRP CH2 HH2  sing N N 319 
TRP OXT HXT  sing N N 320 
VAL N   CA   sing N N 321 
VAL N   H    sing N N 322 
VAL N   H2   sing N N 323 
VAL CA  C    sing N N 324 
VAL CA  CB   sing N N 325 
VAL CA  HA   sing N N 326 
VAL C   O    doub N N 327 
VAL C   OXT  sing N N 328 
VAL CB  CG1  sing N N 329 
VAL CB  CG2  sing N N 330 
VAL CB  HB   sing N N 331 
VAL CG1 HG11 sing N N 332 
VAL CG1 HG12 sing N N 333 
VAL CG1 HG13 sing N N 334 
VAL CG2 HG21 sing N N 335 
VAL CG2 HG22 sing N N 336 
VAL CG2 HG23 sing N N 337 
VAL OXT HXT  sing N N 338 
# 
_pdbx_audit_support.funding_organization   'National Science Foundation (NSF, United States)' 
_pdbx_audit_support.country                'United States' 
_pdbx_audit_support.grant_number           CHE-1904711 
_pdbx_audit_support.ordinal                1 
# 
_atom_sites.entry_id                    6X23 
_atom_sites.Cartn_transf_matrix[1][1]   ? 
_atom_sites.Cartn_transf_matrix[1][2]   ? 
_atom_sites.Cartn_transf_matrix[1][3]   ? 
_atom_sites.Cartn_transf_matrix[2][1]   ? 
_atom_sites.Cartn_transf_matrix[2][2]   ? 
_atom_sites.Cartn_transf_matrix[2][3]   ? 
_atom_sites.Cartn_transf_matrix[3][1]   ? 
_atom_sites.Cartn_transf_matrix[3][2]   ? 
_atom_sites.Cartn_transf_matrix[3][3]   ? 
_atom_sites.Cartn_transf_vector[1]      ? 
_atom_sites.Cartn_transf_vector[2]      ? 
_atom_sites.Cartn_transf_vector[3]      ? 
_atom_sites.fract_transf_matrix[1][1]   0.02588098 
_atom_sites.fract_transf_matrix[1][2]   -0.00469916 
_atom_sites.fract_transf_matrix[1][3]   -0.01491609 
_atom_sites.fract_transf_matrix[2][1]   -0.00426892 
_atom_sites.fract_transf_matrix[2][2]   0.01995579 
_atom_sites.fract_transf_matrix[2][3]   -0.01369389 
_atom_sites.fract_transf_matrix[3][1]   0.00617729 
_atom_sites.fract_transf_matrix[3][2]   0.00713414 
_atom_sites.fract_transf_matrix[3][3]   0.00847071 
_atom_sites.fract_transf_vector[1]      1.206838 
_atom_sites.fract_transf_vector[2]      0.072617 
_atom_sites.fract_transf_vector[3]      0.183387 
_atom_sites.solution_primary            ? 
_atom_sites.solution_secondary          ? 
_atom_sites.solution_hydrogens          ? 
_atom_sites.special_details             ? 
# 
loop_
_atom_type.symbol 
C 
N 
O 
S 
# 
loop_
_atom_site.group_PDB 
_atom_site.id 
_atom_site.type_symbol 
_atom_site.label_atom_id 
_atom_site.label_alt_id 
_atom_site.label_comp_id 
_atom_site.label_asym_id 
_atom_site.label_entity_id 
_atom_site.label_seq_id 
_atom_site.pdbx_PDB_ins_code 
_atom_site.Cartn_x 
_atom_site.Cartn_y 
_atom_site.Cartn_z 
_atom_site.occupancy 
_atom_site.B_iso_or_equiv 
_atom_site.pdbx_formal_charge 
_atom_site.auth_seq_id 
_atom_site.auth_comp_id 
_atom_site.auth_asym_id 
_atom_site.auth_atom_id 
_atom_site.pdbx_PDB_model_num 
ATOM   1   N N   . ALA A 1 8   ? -9.774  -17.340 5.748   1.00 67.74 ?  447 ALA A N   1 
ATOM   2   C CA  . ALA A 1 8   ? -8.716  -16.358 5.960   1.00 57.32 ?  447 ALA A CA  1 
ATOM   3   C C   . ALA A 1 8   ? -9.165  -15.221 6.885   1.00 55.17 ?  447 ALA A C   1 
ATOM   4   O O   . ALA A 1 8   ? -9.983  -14.387 6.499   1.00 57.53 ?  447 ALA A O   1 
ATOM   5   C CB  . ALA A 1 8   ? -8.245  -15.801 4.618   1.00 52.35 ?  447 ALA A CB  1 
ATOM   6   N N   . PRO A 1 9   ? -8.636  -15.192 8.110   1.00 50.54 ?  448 PRO A N   1 
ATOM   7   C CA  . PRO A 1 9   ? -8.862  -14.040 8.993   1.00 46.03 ?  448 PRO A CA  1 
ATOM   8   C C   . PRO A 1 9   ? -7.778  -12.984 8.836   1.00 45.23 ?  448 PRO A C   1 
ATOM   9   O O   . PRO A 1 9   ? -6.582  -13.269 8.716   1.00 36.26 ?  448 PRO A O   1 
ATOM   10  C CB  . PRO A 1 9   ? -8.816  -14.667 10.395  1.00 41.37 ?  448 PRO A CB  1 
ATOM   11  C CG  . PRO A 1 9   ? -7.932  -15.899 10.242  1.00 43.33 ?  448 PRO A CG  1 
ATOM   12  C CD  . PRO A 1 9   ? -7.800  -16.220 8.753   1.00 48.04 ?  448 PRO A CD  1 
ATOM   13  N N   . GLU A 1 10  ? -8.193  -11.726 8.839   1.00 40.97 ?  449 GLU A N   1 
ATOM   14  C CA  . GLU A 1 10  ? -7.207  -10.668 8.721   1.00 34.67 ?  449 GLU A CA  1 
ATOM   15  C C   . GLU A 1 10  ? -7.365  -9.671  9.851   1.00 30.28 ?  449 GLU A C   1 
ATOM   16  O O   . GLU A 1 10  ? -8.421  -9.546  10.465  1.00 41.59 ?  449 GLU A O   1 
ATOM   17  C CB  . GLU A 1 10  ? -7.276  -9.942  7.373   1.00 34.42 ?  449 GLU A CB  1 
ATOM   18  C CG  . GLU A 1 10  ? -8.644  -9.432  6.950   1.00 48.42 ?  449 GLU A CG  1 
ATOM   19  C CD  . GLU A 1 10  ? -8.738  -9.263  5.429   1.00 49.92 ?  449 GLU A CD  1 
ATOM   20  O OE1 . GLU A 1 10  ? -8.018  -9.973  4.695   1.00 49.53 ?  449 GLU A OE1 1 
ATOM   21  O OE2 . GLU A 1 10  ? -9.544  -8.427  4.969   1.00 58.13 -1 449 GLU A OE2 1 
ATOM   22  N N   . GLY A 1 11  ? -6.279  -8.977  10.133  1.00 30.03 ?  450 GLY A N   1 
ATOM   23  C CA  . GLY A 1 11  ? -6.289  -7.888  11.080  1.00 26.04 ?  450 GLY A CA  1 
ATOM   24  C C   . GLY A 1 11  ? -5.892  -6.616  10.374  1.00 23.53 ?  450 GLY A C   1 
ATOM   25  O O   . GLY A 1 11  ? -5.143  -6.634  9.399   1.00 27.29 ?  450 GLY A O   1 
ATOM   26  N N   . LYS A 1 12  ? -6.401  -5.506  10.870  1.00 23.46 ?  451 LYS A N   1 
ATOM   27  C CA  . LYS A 1 12  ? -6.052  -4.203  10.340  1.00 21.76 ?  451 LYS A CA  1 
ATOM   28  C C   . LYS A 1 12  ? -4.911  -3.585  11.142  1.00 19.04 ?  451 LYS A C   1 
ATOM   29  O O   . LYS A 1 12  ? -4.760  -3.827  12.339  1.00 17.47 ?  451 LYS A O   1 
ATOM   30  C CB  . LYS A 1 12  ? -7.276  -3.290  10.357  1.00 17.97 ?  451 LYS A CB  1 
ATOM   31  C CG  . LYS A 1 12  ? -8.478  -3.873  9.608   1.00 20.51 ?  451 LYS A CG  1 
ATOM   32  C CD  . LYS A 1 12  ? -9.543  -2.826  9.438   1.00 22.42 ?  451 LYS A CD  1 
ATOM   33  C CE  . LYS A 1 12  ? -10.927 -3.419  9.521   1.00 23.42 ?  451 LYS A CE  1 
ATOM   34  N NZ  . LYS A 1 12  ? -11.931 -2.368  9.929   1.00 29.55 1  451 LYS A NZ  1 
ATOM   35  N N   . MET A 1 13  ? -4.089  -2.789  10.466  1.00 16.13 ?  452 MET A N   1 
ATOM   36  C CA  . MET A 1 13  ? -3.019  -2.095  11.166  1.00 20.54 ?  452 MET A CA  1 
ATOM   37  C C   . MET A 1 13  ? -2.814  -0.758  10.482  1.00 18.14 ?  452 MET A C   1 
ATOM   38  O O   . MET A 1 13  ? -3.053  -0.640  9.276   1.00 20.93 ?  452 MET A O   1 
ATOM   39  C CB  . MET A 1 13  ? -1.711  -2.915  11.167  1.00 19.19 ?  452 MET A CB  1 
ATOM   40  C CG  . MET A 1 13  ? -1.670  -4.090  12.138  1.00 18.85 ?  452 MET A CG  1 
ATOM   41  S SD  . MET A 1 13  ? -1.834  -3.536  13.843  1.00 33.67 ?  452 MET A SD  1 
ATOM   42  C CE  . MET A 1 13  ? -0.134  -3.401  14.439  1.00 28.22 ?  452 MET A CE  1 
ATOM   43  N N   . ASP A 1 14  ? -2.388  0.254   11.251  1.00 14.84 ?  453 ASP A N   1 
ATOM   44  C CA  . ASP A 1 14  ? -2.060  1.564   10.694  1.00 14.99 ?  453 ASP A CA  1 
ATOM   45  C C   . ASP A 1 14  ? -0.554  1.632   10.493  1.00 14.25 ?  453 ASP A C   1 
ATOM   46  O O   . ASP A 1 14  ? 0.192   1.075   11.269  1.00 14.55 ?  453 ASP A O   1 
ATOM   47  C CB  . ASP A 1 14  ? -2.507  2.675   11.623  1.00 14.25 ?  453 ASP A CB  1 
ATOM   48  C CG  . ASP A 1 14  ? -4.010  2.677   11.827  1.00 19.73 ?  453 ASP A CG  1 
ATOM   49  O OD1 . ASP A 1 14  ? -4.699  3.258   10.979  1.00 21.68 ?  453 ASP A OD1 1 
ATOM   50  O OD2 . ASP A 1 14  ? -4.516  2.091   12.814  1.00 23.78 -1 453 ASP A OD2 1 
ATOM   51  N N   . LEU A 1 15  ? -0.108  2.284   9.427   1.00 20.07 ?  454 LEU A N   1 
ATOM   52  C CA  . LEU A 1 15  ? 1.311   2.404   9.124   1.00 14.67 ?  454 LEU A CA  1 
ATOM   53  C C   . LEU A 1 15  ? 1.591   3.830   8.672   1.00 18.92 ?  454 LEU A C   1 
ATOM   54  O O   . LEU A 1 15  ? 0.741   4.448   8.024   1.00 20.12 ?  454 LEU A O   1 
ATOM   55  C CB  . LEU A 1 15  ? 1.727   1.453   8.001   1.00 14.78 ?  454 LEU A CB  1 
ATOM   56  C CG  . LEU A 1 15  ? 2.073   -0.006  8.167   1.00 25.26 ?  454 LEU A CG  1 
ATOM   57  C CD1 . LEU A 1 15  ? 0.903   -0.724  8.708   1.00 20.60 ?  454 LEU A CD1 1 
ATOM   58  C CD2 . LEU A 1 15  ? 2.407   -0.528  6.775   1.00 18.89 ?  454 LEU A CD2 1 
ATOM   59  N N   . ILE A 1 16  ? 2.787   4.338   8.997   1.00 23.23 ?  455 ILE A N   1 
ATOM   60  C CA  . ILE A 1 16  ? 3.280   5.630   8.541   1.00 21.32 ?  455 ILE A CA  1 
ATOM   61  C C   . ILE A 1 16  ? 4.654   5.418   7.943   1.00 22.88 ?  455 ILE A C   1 
ATOM   62  O O   . ILE A 1 16  ? 5.516   4.780   8.561   1.00 19.70 ?  455 ILE A O   1 
ATOM   63  C CB  . ILE A 1 16  ? 3.341   6.685   9.662   1.00 27.29 ?  455 ILE A CB  1 
ATOM   64  C CG1 . ILE A 1 16  ? 1.952   6.891   10.271  1.00 30.70 ?  455 ILE A CG1 1 
ATOM   65  C CG2 . ILE A 1 16  ? 3.767   8.018   9.091   1.00 22.59 ?  455 ILE A CG2 1 
ATOM   66  C CD1 . ILE A 1 16  ? 1.914   7.876   11.411  1.00 38.41 ?  455 ILE A CD1 1 
ATOM   67  N N   . ILE A 1 17  ? 4.850   5.927   6.731   1.00 23.25 ?  456 ILE A N   1 
ATOM   68  C CA  . ILE A 1 17  ? 6.033   5.660   5.923   1.00 23.69 ?  456 ILE A CA  1 
ATOM   69  C C   . ILE A 1 17  ? 6.575   6.982   5.408   1.00 28.70 ?  456 ILE A C   1 
ATOM   70  O O   . ILE A 1 17  ? 5.834   7.760   4.783   1.00 27.41 ?  456 ILE A O   1 
ATOM   71  C CB  . ILE A 1 17  ? 5.722   4.714   4.749   1.00 20.14 ?  456 ILE A CB  1 
ATOM   72  C CG1 . ILE A 1 17  ? 4.737   3.624   5.172   1.00 22.73 ?  456 ILE A CG1 1 
ATOM   73  C CG2 . ILE A 1 17  ? 6.987   4.073   4.253   1.00 21.66 ?  456 ILE A CG2 1 
ATOM   74  C CD1 . ILE A 1 17  ? 4.425   2.616   4.068   1.00 20.55 ?  456 ILE A CD1 1 
ATOM   75  N N   . MET A 1 18  ? 7.853   7.251   5.675   1.00 29.59 ?  457 MET A N   1 
ATOM   76  C CA  . MET A 1 18  ? 8.574   8.403   5.148   1.00 30.32 ?  457 MET A CA  1 
ATOM   77  C C   . MET A 1 18  ? 9.029   8.051   3.738   1.00 32.80 ?  457 MET A C   1 
ATOM   78  O O   . MET A 1 18  ? 9.428   6.909   3.483   1.00 26.52 ?  457 MET A O   1 
ATOM   79  C CB  . MET A 1 18  ? 9.795   8.726   6.010   1.00 36.03 ?  457 MET A CB  1 
ATOM   80  C CG  . MET A 1 18  ? 9.538   8.955   7.509   1.00 44.20 ?  457 MET A CG  1 
ATOM   81  S SD  . MET A 1 18  ? 8.606   10.427  7.953   1.00 79.02 ?  457 MET A SD  1 
ATOM   82  C CE  . MET A 1 18  ? 8.400   10.261  9.733   1.00 57.80 ?  457 MET A CE  1 
ATOM   83  N N   . ARG A 1 19  ? 8.985   9.013   2.824   1.00 26.49 ?  458 ARG A N   1 
ATOM   84  C CA  . ARG A 1 19  ? 9.421   8.731   1.461   1.00 30.03 ?  458 ARG A CA  1 
ATOM   85  C C   . ARG A 1 19  ? 10.937  8.635   1.419   1.00 30.36 ?  458 ARG A C   1 
ATOM   86  O O   . ARG A 1 19  ? 11.631  9.448   2.030   1.00 35.81 ?  458 ARG A O   1 
ATOM   87  C CB  . ARG A 1 19  ? 8.940   9.812   0.484   1.00 30.20 ?  458 ARG A CB  1 
ATOM   88  C CG  . ARG A 1 19  ? 9.270   9.473   -0.968  1.00 31.03 ?  458 ARG A CG  1 
ATOM   89  C CD  . ARG A 1 19  ? 8.727   10.494  -1.944  1.00 26.90 ?  458 ARG A CD  1 
ATOM   90  N NE  . ARG A 1 19  ? 7.316   10.739  -1.713  1.00 30.39 ?  458 ARG A NE  1 
ATOM   91  C CZ  . ARG A 1 19  ? 6.339   10.311  -2.509  1.00 32.37 ?  458 ARG A CZ  1 
ATOM   92  N NH1 . ARG A 1 19  ? 6.639   9.614   -3.603  1.00 32.63 1  458 ARG A NH1 1 
ATOM   93  N NH2 . ARG A 1 19  ? 5.063   10.590  -2.218  1.00 20.69 ?  458 ARG A NH2 1 
ATOM   94  N N   . GLY A 1 20  ? 11.451  7.636   0.710   1.00 34.18 ?  459 GLY A N   1 
ATOM   95  C CA  . GLY A 1 20  ? 12.875  7.518   0.470   1.00 36.23 ?  459 GLY A CA  1 
ATOM   96  C C   . GLY A 1 20  ? 13.281  8.327   -0.745  1.00 42.15 ?  459 GLY A C   1 
ATOM   97  O O   . GLY A 1 20  ? 12.551  9.199   -1.215  1.00 40.64 ?  459 GLY A O   1 
ATOM   98  N N   . ASP A 1 21  ? 14.463  8.032   -1.266  1.00 47.20 ?  460 ASP A N   1 
ATOM   99  C CA  . ASP A 1 21  ? 14.904  8.770   -2.442  1.00 53.68 ?  460 ASP A CA  1 
ATOM   100 C C   . ASP A 1 21  ? 14.523  8.082   -3.738  1.00 45.59 ?  460 ASP A C   1 
ATOM   101 O O   . ASP A 1 21  ? 14.614  8.693   -4.809  1.00 55.01 ?  460 ASP A O   1 
ATOM   102 C CB  . ASP A 1 21  ? 16.411  8.991   -2.391  1.00 62.38 ?  460 ASP A CB  1 
ATOM   103 C CG  . ASP A 1 21  ? 16.859  9.549   -1.064  1.00 66.92 ?  460 ASP A CG  1 
ATOM   104 O OD1 . ASP A 1 21  ? 16.066  10.294  -0.449  1.00 72.38 -1 460 ASP A OD1 1 
ATOM   105 O OD2 . ASP A 1 21  ? 17.986  9.227   -0.627  1.00 66.16 ?  460 ASP A OD2 1 
ATOM   106 N N   . LYS A 1 22  ? 14.105  6.828   -3.666  1.00 37.94 ?  461 LYS A N   1 
ATOM   107 C CA  . LYS A 1 22  ? 13.466  6.163   -4.788  1.00 46.69 ?  461 LYS A CA  1 
ATOM   108 C C   . LYS A 1 22  ? 11.986  5.920   -4.515  1.00 48.90 ?  461 LYS A C   1 
ATOM   109 O O   . LYS A 1 22  ? 11.339  5.172   -5.256  1.00 48.84 ?  461 LYS A O   1 
ATOM   110 C CB  . LYS A 1 22  ? 14.176  4.842   -5.095  1.00 49.51 ?  461 LYS A CB  1 
ATOM   111 C CG  . LYS A 1 22  ? 15.698  4.954   -5.223  1.00 48.57 ?  461 LYS A CG  1 
ATOM   112 C CD  . LYS A 1 22  ? 16.134  5.074   -6.676  1.00 48.92 ?  461 LYS A CD  1 
ATOM   113 C CE  . LYS A 1 22  ? 17.656  5.050   -6.823  1.00 50.01 ?  461 LYS A CE  1 
ATOM   114 N NZ  . LYS A 1 22  ? 18.116  4.259   -7.991  1.00 44.12 1  461 LYS A NZ  1 
ATOM   115 N N   . GLY A 1 23  ? 11.438  6.517   -3.457  1.00 34.47 ?  462 GLY A N   1 
ATOM   116 C CA  . GLY A 1 23  ? 10.035  6.334   -3.155  1.00 30.62 ?  462 GLY A CA  1 
ATOM   117 C C   . GLY A 1 23  ? 9.780   5.675   -1.818  1.00 31.07 ?  462 GLY A C   1 
ATOM   118 O O   . GLY A 1 23  ? 10.614  5.756   -0.906  1.00 25.18 ?  462 GLY A O   1 
ATOM   119 N N   . PHE A 1 24  ? 8.615   5.018   -1.702  1.00 33.71 ?  463 PHE A N   1 
ATOM   120 C CA  . PHE A 1 24  ? 8.249   4.298   -0.489  1.00 24.20 ?  463 PHE A CA  1 
ATOM   121 C C   . PHE A 1 24  ? 8.852   2.902   -0.472  1.00 28.20 ?  463 PHE A C   1 
ATOM   122 O O   . PHE A 1 24  ? 9.162   2.382   0.606   1.00 25.14 ?  463 PHE A O   1 
ATOM   123 C CB  . PHE A 1 24  ? 6.720   4.260   -0.345  1.00 22.39 ?  463 PHE A CB  1 
ATOM   124 C CG  . PHE A 1 24  ? 6.118   5.631   -0.133  1.00 25.38 ?  463 PHE A CG  1 
ATOM   125 C CD1 . PHE A 1 24  ? 6.463   6.385   0.981   1.00 23.86 ?  463 PHE A CD1 1 
ATOM   126 C CD2 . PHE A 1 24  ? 5.274   6.187   -1.063  1.00 22.71 ?  463 PHE A CD2 1 
ATOM   127 C CE1 . PHE A 1 24  ? 5.960   7.633   1.169   1.00 24.04 ?  463 PHE A CE1 1 
ATOM   128 C CE2 . PHE A 1 24  ? 4.770   7.453   -0.880  1.00 26.31 ?  463 PHE A CE2 1 
ATOM   129 C CZ  . PHE A 1 24  ? 5.121   8.174   0.235   1.00 25.94 ?  463 PHE A CZ  1 
ATOM   130 N N   . GLY A 1 25  ? 9.042   2.300   -1.648  1.00 25.86 ?  464 GLY A N   1 
ATOM   131 C CA  . GLY A 1 25  ? 9.770   1.051   -1.758  1.00 29.79 ?  464 GLY A CA  1 
ATOM   132 C C   . GLY A 1 25  ? 8.925   -0.207  -1.844  1.00 32.80 ?  464 GLY A C   1 
ATOM   133 O O   . GLY A 1 25  ? 9.273   -1.250  -1.279  1.00 27.70 ?  464 GLY A O   1 
ATOM   134 N N   . PHE A 1 26  ? 7.846   -0.132  -2.603  1.00 24.52 ?  465 PHE A N   1 
ATOM   135 C CA  . PHE A 1 26  ? 7.009   -1.328  -2.785  1.00 24.70 ?  465 PHE A CA  1 
ATOM   136 C C   . PHE A 1 26  ? 6.239   -1.202  -4.086  1.00 33.88 ?  465 PHE A C   1 
ATOM   137 O O   . PHE A 1 26  ? 6.167   -0.124  -4.652  1.00 34.37 ?  465 PHE A O   1 
ATOM   138 C CB  . PHE A 1 26  ? 6.073   -1.548  -1.601  1.00 23.72 ?  465 PHE A CB  1 
ATOM   139 C CG  . PHE A 1 26  ? 4.975   -0.539  -1.430  1.00 19.62 ?  465 PHE A CG  1 
ATOM   140 C CD1 . PHE A 1 26  ? 5.192   0.640   -0.756  1.00 21.63 ?  465 PHE A CD1 1 
ATOM   141 C CD2 . PHE A 1 26  ? 3.714   -0.775  -1.919  1.00 21.78 ?  465 PHE A CD2 1 
ATOM   142 C CE1 . PHE A 1 26  ? 4.169   1.553   -0.581  1.00 23.83 ?  465 PHE A CE1 1 
ATOM   143 C CE2 . PHE A 1 26  ? 2.695   0.139   -1.741  1.00 24.82 ?  465 PHE A CE2 1 
ATOM   144 C CZ  . PHE A 1 26  ? 2.921   1.305   -1.073  1.00 18.07 ?  465 PHE A CZ  1 
ATOM   145 N N   . ARG A 1 27  ? 5.712   -2.330  -4.574  1.00 31.51 ?  466 ARG A N   1 
ATOM   146 C CA  . ARG A 1 27  ? 4.930   -2.353  -5.839  1.00 37.78 ?  466 ARG A CA  1 
ATOM   147 C C   . ARG A 1 27  ? 3.463   -2.628  -5.495  1.00 36.42 ?  466 ARG A C   1 
ATOM   148 O O   . ARG A 1 27  ? 3.182   -3.705  -4.933  1.00 38.03 ?  466 ARG A O   1 
ATOM   149 C CB  . ARG A 1 27  ? 5.485   -3.419  -6.791  1.00 45.09 ?  466 ARG A CB  1 
ATOM   150 C CG  . ARG A 1 27  ? 6.903   -3.147  -7.269  1.00 57.20 ?  466 ARG A CG  1 
ATOM   151 C CD  . ARG A 1 27  ? 7.643   -4.422  -7.630  1.00 71.87 ?  466 ARG A CD  1 
ATOM   152 N NE  . ARG A 1 27  ? 9.077   -4.214  -7.776  1.00 71.89 ?  466 ARG A NE  1 
ATOM   153 C CZ  . ARG A 1 27  ? 9.627   -3.182  -8.405  1.00 70.79 ?  466 ARG A CZ  1 
ATOM   154 N NH1 . ARG A 1 27  ? 10.943  -3.081  -8.485  1.00 74.09 1  466 ARG A NH1 1 
ATOM   155 N NH2 . ARG A 1 27  ? 8.861   -2.255  -8.951  1.00 73.54 ?  466 ARG A NH2 1 
ATOM   156 N N   . LEU A 1 28  ? 2.568   -1.691  -5.823  1.00 37.94 ?  467 LEU A N   1 
ATOM   157 C CA  . LEU A 1 28  ? 1.175   -1.867  -5.507  1.00 37.92 ?  467 LEU A CA  1 
ATOM   158 C C   . LEU A 1 28  ? 0.517   -2.571  -6.684  1.00 42.76 ?  467 LEU A C   1 
ATOM   159 O O   . LEU A 1 28  ? 0.970   -2.476  -7.821  1.00 43.92 ?  467 LEU A O   1 
ATOM   160 C CB  . LEU A 1 28  ? 0.544   -0.515  -5.240  1.00 34.46 ?  467 LEU A CB  1 
ATOM   161 C CG  . LEU A 1 28  ? -0.790  -0.598  -4.547  1.00 44.39 ?  467 LEU A CG  1 
ATOM   162 C CD1 . LEU A 1 28  ? -0.590  -1.119  -3.122  1.00 33.18 ?  467 LEU A CD1 1 
ATOM   163 C CD2 . LEU A 1 28  ? -1.395  0.782   -4.601  1.00 37.27 ?  467 LEU A CD2 1 
ATOM   164 N N   . SER A 1 29  ? -0.534  -3.310  -6.418  1.00 42.72 ?  468 SER A N   1 
ATOM   165 C CA  . SER A 1 29  ? -1.065  -4.162  -7.465  1.00 44.95 ?  468 SER A CA  1 
ATOM   166 C C   . SER A 1 29  ? -2.536  -4.397  -7.191  1.00 50.30 ?  468 SER A C   1 
ATOM   167 O O   . SER A 1 29  ? -2.917  -4.641  -6.043  1.00 51.47 ?  468 SER A O   1 
ATOM   168 C CB  . SER A 1 29  ? -0.322  -5.491  -7.503  1.00 47.78 ?  468 SER A CB  1 
ATOM   169 O OG  . SER A 1 29  ? -0.925  -6.375  -8.423  1.00 53.14 ?  468 SER A OG  1 
ATOM   170 N N   . GLY A 1 30  ? -3.358  -4.314  -8.223  1.00 50.56 ?  469 GLY A N   1 
ATOM   171 C CA  . GLY A 1 30  ? -4.738  -4.675  -7.976  1.00 49.94 ?  469 GLY A CA  1 
ATOM   172 C C   . GLY A 1 30  ? -5.653  -4.137  -9.052  1.00 62.39 ?  469 GLY A C   1 
ATOM   173 O O   . GLY A 1 30  ? -5.231  -3.906  -10.185 1.00 62.73 ?  469 GLY A O   1 
ATOM   174 N N   . ALA A 1 31  ? -6.902  -3.940  -8.639  1.00 65.34 ?  470 ALA A N   1 
ATOM   175 C CA  . ALA A 1 31  ? -8.012  -3.620  -9.533  1.00 64.46 ?  470 ALA A CA  1 
ATOM   176 C C   . ALA A 1 31  ? -7.733  -2.376  -10.367 1.00 71.36 ?  470 ALA A C   1 
ATOM   177 O O   . ALA A 1 31  ? -7.550  -1.282  -9.820  1.00 68.86 ?  470 ALA A O   1 
ATOM   178 C CB  . ALA A 1 31  ? -9.287  -3.422  -8.711  1.00 64.99 ?  470 ALA A CB  1 
ATOM   179 N N   . THR A 1 32  ? -7.721  -2.545  -11.697 1.00 75.54 ?  471 THR A N   1 
ATOM   180 C CA  . THR A 1 32  ? -7.556  -1.394  -12.580 1.00 75.09 ?  471 THR A CA  1 
ATOM   181 C C   . THR A 1 32  ? -8.759  -0.466  -12.491 1.00 74.76 ?  471 THR A C   1 
ATOM   182 O O   . THR A 1 32  ? -8.613  0.758   -12.599 1.00 78.43 ?  471 THR A O   1 
ATOM   183 C CB  . THR A 1 32  ? -7.344  -1.843  -14.025 1.00 72.82 ?  471 THR A CB  1 
ATOM   184 O OG1 . THR A 1 32  ? -6.458  -2.965  -14.060 1.00 81.63 ?  471 THR A OG1 1 
ATOM   185 C CG2 . THR A 1 32  ? -6.732  -0.723  -14.826 1.00 74.75 ?  471 THR A CG2 1 
ATOM   186 N N   . HIS A 1 33  ? -9.956  -1.021  -12.308 1.00 74.64 ?  472 HIS A N   1 
ATOM   187 C CA  . HIS A 1 33  ? -11.145 -0.203  -12.075 1.00 69.06 ?  472 HIS A CA  1 
ATOM   188 C C   . HIS A 1 33  ? -11.899 -0.715  -10.858 1.00 62.71 ?  472 HIS A C   1 
ATOM   189 O O   . HIS A 1 33  ? -12.772 -0.031  -10.335 1.00 56.93 ?  472 HIS A O   1 
ATOM   190 C CB  . HIS A 1 33  ? -12.070 -0.193  -13.294 1.00 70.72 ?  472 HIS A CB  1 
ATOM   191 C CG  . HIS A 1 33  ? -11.350 -0.171  -14.608 1.00 81.19 ?  472 HIS A CG  1 
ATOM   192 N ND1 . HIS A 1 33  ? -10.322 0.706   -14.881 1.00 85.06 ?  472 HIS A ND1 1 
ATOM   193 C CD2 . HIS A 1 33  ? -11.531 -0.901  -15.735 1.00 84.33 ?  472 HIS A CD2 1 
ATOM   194 C CE1 . HIS A 1 33  ? -9.888  0.500   -16.113 1.00 88.41 ?  472 HIS A CE1 1 
ATOM   195 N NE2 . HIS A 1 33  ? -10.607 -0.466  -16.654 1.00 83.52 ?  472 HIS A NE2 1 
ATOM   196 N N   . ALA A 1 40  ? -16.030 -3.608  -1.873  1.00 64.51 ?  479 ALA A N   1 
ATOM   197 C CA  . ALA A 1 40  ? -14.902 -3.660  -2.800  1.00 62.64 ?  479 ALA A CA  1 
ATOM   198 C C   . ALA A 1 40  ? -13.927 -4.753  -2.385  1.00 64.69 ?  479 ALA A C   1 
ATOM   199 O O   . ALA A 1 40  ? -14.331 -5.754  -1.785  1.00 69.44 ?  479 ALA A O   1 
ATOM   200 C CB  . ALA A 1 40  ? -14.203 -2.316  -2.857  1.00 52.91 ?  479 ALA A CB  1 
ATOM   201 N N   . GLN A 1 41  ? -12.648 -4.570  -2.717  1.00 63.25 ?  480 GLN A N   1 
ATOM   202 C CA  . GLN A 1 41  ? -11.586 -5.377  -2.124  1.00 63.68 ?  480 GLN A CA  1 
ATOM   203 C C   . GLN A 1 41  ? -10.299 -4.557  -2.066  1.00 58.75 ?  480 GLN A C   1 
ATOM   204 O O   . GLN A 1 41  ? -9.774  -4.313  -0.974  1.00 59.58 ?  480 GLN A O   1 
ATOM   205 C CB  . GLN A 1 41  ? -11.393 -6.695  -2.887  1.00 57.18 ?  480 GLN A CB  1 
ATOM   206 C CG  . GLN A 1 41  ? -10.515 -7.714  -2.151  1.00 59.95 ?  480 GLN A CG  1 
ATOM   207 C CD  . GLN A 1 41  ? -11.226 -8.417  -0.988  1.00 57.33 ?  480 GLN A CD  1 
ATOM   208 O OE1 . GLN A 1 41  ? -12.264 -7.970  -0.510  1.00 61.50 ?  480 GLN A OE1 1 
ATOM   209 N NE2 . GLN A 1 41  ? -10.644 -9.506  -0.515  1.00 61.36 ?  480 GLN A NE2 1 
ATOM   210 N N   . GLY A 1 42  ? -9.786  -4.125  -3.219  1.00 54.36 ?  481 GLY A N   1 
ATOM   211 C CA  . GLY A 1 42  ? -8.823  -3.040  -3.272  1.00 49.38 ?  481 GLY A CA  1 
ATOM   212 C C   . GLY A 1 42  ? -7.433  -3.477  -3.718  1.00 54.75 ?  481 GLY A C   1 
ATOM   213 O O   . GLY A 1 42  ? -7.161  -4.652  -3.972  1.00 63.14 ?  481 GLY A O   1 
ATOM   214 N N   . GLN A 1 43  ? -6.546  -2.482  -3.820  1.00 41.36 ?  482 GLN A N   1 
ATOM   215 C CA  . GLN A 1 43  ? -5.175  -2.714  -4.248  1.00 37.39 ?  482 GLN A CA  1 
ATOM   216 C C   . GLN A 1 43  ? -4.418  -3.454  -3.160  1.00 34.06 ?  482 GLN A C   1 
ATOM   217 O O   . GLN A 1 43  ? -4.876  -3.553  -2.034  1.00 40.03 ?  482 GLN A O   1 
ATOM   218 C CB  . GLN A 1 43  ? -4.473  -1.391  -4.553  1.00 44.63 ?  482 GLN A CB  1 
ATOM   219 C CG  . GLN A 1 43  ? -5.304  -0.441  -5.376  1.00 47.95 ?  482 GLN A CG  1 
ATOM   220 C CD  . GLN A 1 43  ? -5.744  -1.062  -6.676  1.00 48.73 ?  482 GLN A CD  1 
ATOM   221 O OE1 . GLN A 1 43  ? -4.914  -1.412  -7.520  1.00 44.28 ?  482 GLN A OE1 1 
ATOM   222 N NE2 . GLN A 1 43  ? -7.054  -1.238  -6.836  1.00 45.23 ?  482 GLN A NE2 1 
ATOM   223 N N   . TRP A 1 44  ? -3.234  -3.959  -3.490  1.00 35.44 ?  483 TRP A N   1 
ATOM   224 C CA  . TRP A 1 44  ? -2.477  -4.691  -2.482  1.00 39.27 ?  483 TRP A CA  1 
ATOM   225 C C   . TRP A 1 44  ? -0.983  -4.681  -2.787  1.00 39.95 ?  483 TRP A C   1 
ATOM   226 O O   . TRP A 1 44  ? -0.548  -4.430  -3.912  1.00 43.36 ?  483 TRP A O   1 
ATOM   227 C CB  . TRP A 1 44  ? -2.986  -6.124  -2.338  1.00 41.72 ?  483 TRP A CB  1 
ATOM   228 C CG  . TRP A 1 44  ? -3.028  -6.893  -3.599  1.00 49.48 ?  483 TRP A CG  1 
ATOM   229 C CD1 . TRP A 1 44  ? -3.989  -6.836  -4.565  1.00 53.55 ?  483 TRP A CD1 1 
ATOM   230 C CD2 . TRP A 1 44  ? -2.079  -7.877  -4.032  1.00 55.72 ?  483 TRP A CD2 1 
ATOM   231 N NE1 . TRP A 1 44  ? -3.682  -7.708  -5.589  1.00 63.05 ?  483 TRP A NE1 1 
ATOM   232 C CE2 . TRP A 1 44  ? -2.519  -8.363  -5.281  1.00 59.27 ?  483 TRP A CE2 1 
ATOM   233 C CE3 . TRP A 1 44  ? -0.899  -8.390  -3.484  1.00 56.65 ?  483 TRP A CE3 1 
ATOM   234 C CZ2 . TRP A 1 44  ? -1.820  -9.336  -5.991  1.00 61.85 ?  483 TRP A CZ2 1 
ATOM   235 C CZ3 . TRP A 1 44  ? -0.209  -9.357  -4.187  1.00 61.35 ?  483 TRP A CZ3 1 
ATOM   236 C CH2 . TRP A 1 44  ? -0.669  -9.818  -5.430  1.00 68.49 ?  483 TRP A CH2 1 
ATOM   237 N N   . VAL A 1 45  ? -0.209  -4.962  -1.739  1.00 42.03 ?  484 VAL A N   1 
ATOM   238 C CA  . VAL A 1 45  ? 1.252   -4.951  -1.764  1.00 40.14 ?  484 VAL A CA  1 
ATOM   239 C C   . VAL A 1 45  ? 1.733   -6.322  -2.235  1.00 41.99 ?  484 VAL A C   1 
ATOM   240 O O   . VAL A 1 45  ? 1.333   -7.351  -1.679  1.00 44.11 ?  484 VAL A O   1 
ATOM   241 C CB  . VAL A 1 45  ? 1.808   -4.615  -0.367  1.00 32.65 ?  484 VAL A CB  1 
ATOM   242 C CG1 . VAL A 1 45  ? 3.328   -4.405  -0.415  1.00 34.42 ?  484 VAL A CG1 1 
ATOM   243 C CG2 . VAL A 1 45  ? 1.100   -3.398  0.228   1.00 26.84 ?  484 VAL A CG2 1 
ATOM   244 N N   . ARG A 1 46  ? 2.393   -6.311  -3.396  1.00 51.15 ?  485 ARG A N   1 
ATOM   245 C CA  . ARG A 1 46  ? 2.851   -7.535  -4.117  1.00 57.63 ?  485 ARG A CA  1 
ATOM   246 C C   . ARG A 1 46  ? 4.261   -7.928  -3.714  1.00 53.02 ?  485 ARG A C   1 
ATOM   247 O O   . ARG A 1 46  ? 4.554   -9.121  -3.824  1.00 65.20 ?  485 ARG A O   1 
ATOM   248 C CB  . ARG A 1 46  ? 2.817   -7.367  -5.635  1.00 58.41 ?  485 ARG A CB  1 
ATOM   249 C CG  . ARG A 1 46  ? 2.650   -8.675  -6.399  1.00 64.10 ?  485 ARG A CG  1 
ATOM   250 C CD  . ARG A 1 46  ? 2.087   -8.501  -7.801  1.00 71.49 ?  485 ARG A CD  1 
ATOM   251 N NE  . ARG A 1 46  ? 0.732   -8.995  -8.016  1.00 76.65 ?  485 ARG A NE  1 
ATOM   252 C CZ  . ARG A 1 46  ? 0.410   -10.271 -8.214  1.00 79.01 ?  485 ARG A CZ  1 
ATOM   253 N NH1 . ARG A 1 46  ? -0.846  -10.624 -8.413  1.00 73.58 1  485 ARG A NH1 1 
ATOM   254 N NH2 . ARG A 1 46  ? 1.343   -11.201 -8.213  1.00 73.69 ?  485 ARG A NH2 1 
ATOM   255 N N   . ASN A 1 47  ? 5.062   -6.958  -3.297  1.00 50.43 ?  486 ASN A N   1 
ATOM   256 C CA  . ASN A 1 47  ? 6.457   -7.149  -2.817  1.00 49.87 ?  486 ASN A CA  1 
ATOM   257 C C   . ASN A 1 47  ? 6.953   -5.833  -2.222  1.00 35.42 ?  486 ASN A C   1 
ATOM   258 O O   . ASN A 1 47  ? 6.355   -4.824  -2.502  1.00 33.84 ?  486 ASN A O   1 
ATOM   259 C CB  . ASN A 1 47  ? 7.413   -7.686  -3.886  1.00 60.63 ?  486 ASN A CB  1 
ATOM   260 C CG  . ASN A 1 47  ? 8.053   -6.609  -4.727  1.00 62.55 ?  486 ASN A CG  1 
ATOM   261 O OD1 . ASN A 1 47  ? 9.016   -5.985  -4.303  1.00 62.06 ?  486 ASN A OD1 1 
ATOM   262 N ND2 . ASN A 1 47  ? 7.521   -6.398  -5.918  1.00 63.99 ?  486 ASN A ND2 1 
ATOM   263 N N   . VAL A 1 48  ? 7.987   -5.869  -1.375  1.00 31.05 ?  487 VAL A N   1 
ATOM   264 C CA  . VAL A 1 48  ? 8.474   -4.617  -0.717  1.00 25.08 ?  487 VAL A CA  1 
ATOM   265 C C   . VAL A 1 48  ? 10.006  -4.632  -0.658  1.00 23.63 ?  487 VAL A C   1 
ATOM   266 O O   . VAL A 1 48  ? 10.570  -5.691  -0.317  1.00 26.38 ?  487 VAL A O   1 
ATOM   267 C CB  . VAL A 1 48  ? 7.855   -4.462  0.688   1.00 23.27 ?  487 VAL A CB  1 
ATOM   268 C CG1 . VAL A 1 48  ? 8.637   -3.500  1.569   1.00 24.63 ?  487 VAL A CG1 1 
ATOM   269 C CG2 . VAL A 1 48  ? 6.390   -4.057  0.623   1.00 25.48 ?  487 VAL A CG2 1 
ATOM   270 N N   . ASP A 1 49  ? 10.647  -3.501  -0.977  1.00 27.11 ?  488 ASP A N   1 
ATOM   271 C CA  . ASP A 1 49  ? 12.106  -3.428  -0.931  1.00 29.69 ?  488 ASP A CA  1 
ATOM   272 C C   . ASP A 1 49  ? 12.593  -3.663  0.492   1.00 26.61 ?  488 ASP A C   1 
ATOM   273 O O   . ASP A 1 49  ? 12.344  -2.813  1.358   1.00 25.29 ?  488 ASP A O   1 
ATOM   274 C CB  . ASP A 1 49  ? 12.589  -2.069  -1.407  1.00 26.72 ?  488 ASP A CB  1 
ATOM   275 C CG  . ASP A 1 49  ? 12.215  -1.805  -2.818  1.00 36.42 ?  488 ASP A CG  1 
ATOM   276 O OD1 . ASP A 1 49  ? 11.896  -2.791  -3.510  1.00 49.99 -1 488 ASP A OD1 1 
ATOM   277 O OD2 . ASP A 1 49  ? 12.216  -0.625  -3.227  1.00 42.86 ?  488 ASP A OD2 1 
ATOM   278 N N   . PRO A 1 50  ? 13.300  -4.757  0.773   1.00 25.72 ?  489 PRO A N   1 
ATOM   279 C CA  . PRO A 1 50  ? 13.719  -4.991  2.161   1.00 19.56 ?  489 PRO A CA  1 
ATOM   280 C C   . PRO A 1 50  ? 14.620  -3.890  2.708   1.00 22.59 ?  489 PRO A C   1 
ATOM   281 O O   . PRO A 1 50  ? 14.660  -3.705  3.928   1.00 26.41 ?  489 PRO A O   1 
ATOM   282 C CB  . PRO A 1 50  ? 14.440  -6.346  2.074   1.00 23.88 ?  489 PRO A CB  1 
ATOM   283 C CG  . PRO A 1 50  ? 13.886  -6.991  0.835   1.00 20.39 ?  489 PRO A CG  1 
ATOM   284 C CD  . PRO A 1 50  ? 13.726  -5.850  -0.115  1.00 20.12 ?  489 PRO A CD  1 
ATOM   285 N N   . ASP A 1 51  ? 15.324  -3.136  1.856   1.00 22.71 ?  490 ASP A N   1 
ATOM   286 C CA  . ASP A 1 51  ? 16.111  -1.982  2.288   1.00 23.34 ?  490 ASP A CA  1 
ATOM   287 C C   . ASP A 1 51  ? 15.381  -0.650  2.104   1.00 26.01 ?  490 ASP A C   1 
ATOM   288 O O   . ASP A 1 51  ? 15.955  0.405   2.408   1.00 24.71 ?  490 ASP A O   1 
ATOM   289 C CB  . ASP A 1 51  ? 17.469  -1.933  1.552   1.00 22.89 ?  490 ASP A CB  1 
ATOM   290 C CG  . ASP A 1 51  ? 17.334  -1.521  0.108   1.00 30.59 ?  490 ASP A CG  1 
ATOM   291 O OD1 . ASP A 1 51  ? 16.460  -2.110  -0.582  1.00 32.13 ?  490 ASP A OD1 1 
ATOM   292 O OD2 . ASP A 1 51  ? 18.076  -0.589  -0.338  1.00 30.93 -1 490 ASP A OD2 1 
ATOM   293 N N   . GLY A 1 52  ? 14.110  -0.672  1.646   1.00 29.18 ?  491 GLY A N   1 
ATOM   294 C CA  . GLY A 1 52  ? 13.344  0.548   1.468   1.00 26.33 ?  491 GLY A CA  1 
ATOM   295 C C   . GLY A 1 52  ? 12.520  0.983   2.697   1.00 24.07 ?  491 GLY A C   1 
ATOM   296 O O   . GLY A 1 52  ? 12.372  0.285   3.695   1.00 21.75 ?  491 GLY A O   1 
ATOM   297 N N   . GLN A 1 53  ? 11.938  2.172   2.580   1.00 25.52 ?  492 GLN A N   1 
ATOM   298 C CA  . GLN A 1 53  ? 11.234  2.798   3.693   1.00 29.10 ?  492 GLN A CA  1 
ATOM   299 C C   . GLN A 1 53  ? 9.958   2.058   4.101   1.00 27.82 ?  492 GLN A C   1 
ATOM   300 O O   . GLN A 1 53  ? 9.601   2.070   5.289   1.00 28.95 ?  492 GLN A O   1 
ATOM   301 C CB  . GLN A 1 53  ? 10.909  4.241   3.327   1.00 33.27 ?  492 GLN A CB  1 
ATOM   302 C CG  . GLN A 1 53  ? 12.118  5.154   3.334   1.00 32.15 ?  492 GLN A CG  1 
ATOM   303 C CD  . GLN A 1 53  ? 12.683  5.326   4.728   1.00 42.34 ?  492 GLN A CD  1 
ATOM   304 O OE1 . GLN A 1 53  ? 11.992  5.096   5.730   1.00 42.30 ?  492 GLN A OE1 1 
ATOM   305 N NE2 . GLN A 1 53  ? 13.945  5.724   4.804   1.00 48.61 ?  492 GLN A NE2 1 
ATOM   306 N N   . ALA A 1 54  ? 9.245   1.433   3.152   1.00 25.09 ?  493 ALA A N   1 
ATOM   307 C CA  . ALA A 1 54  ? 8.042   0.684   3.520   1.00 23.46 ?  493 ALA A CA  1 
ATOM   308 C C   . ALA A 1 54  ? 8.393   -0.503  4.395   1.00 26.41 ?  493 ALA A C   1 
ATOM   309 O O   . ALA A 1 54  ? 7.784   -0.707  5.454   1.00 27.44 ?  493 ALA A O   1 
ATOM   310 C CB  . ALA A 1 54  ? 7.276   0.218   2.281   1.00 19.56 ?  493 ALA A CB  1 
ATOM   311 N N   . ALA A 1 55  ? 9.380   -1.304  3.970   1.00 25.07 ?  494 ALA A N   1 
ATOM   312 C CA  . ALA A 1 55  ? 9.834   -2.419  4.795   1.00 19.11 ?  494 ALA A CA  1 
ATOM   313 C C   . ALA A 1 55  ? 10.201  -1.937  6.181   1.00 21.53 ?  494 ALA A C   1 
ATOM   314 O O   . ALA A 1 55  ? 9.862   -2.587  7.181   1.00 20.49 ?  494 ALA A O   1 
ATOM   315 C CB  . ALA A 1 55  ? 11.034  -3.121  4.158   1.00 20.39 ?  494 ALA A CB  1 
ATOM   316 N N   . ARG A 1 56  ? 10.876  -0.783  6.261   1.00 23.99 ?  495 ARG A N   1 
ATOM   317 C CA  . ARG A 1 56  ? 11.272  -0.235  7.555   1.00 26.28 ?  495 ARG A CA  1 
ATOM   318 C C   . ARG A 1 56  ? 10.059  0.118   8.404   1.00 29.16 ?  495 ARG A C   1 
ATOM   319 O O   . ARG A 1 56  ? 10.113  0.020   9.632   1.00 41.40 ?  495 ARG A O   1 
ATOM   320 C CB  . ARG A 1 56  ? 12.179  0.986   7.381   1.00 32.60 ?  495 ARG A CB  1 
ATOM   321 C CG  . ARG A 1 56  ? 12.917  1.342   8.670   1.00 46.95 ?  495 ARG A CG  1 
ATOM   322 C CD  . ARG A 1 56  ? 13.829  2.573   8.575   1.00 56.40 ?  495 ARG A CD  1 
ATOM   323 N NE  . ARG A 1 56  ? 15.237  2.175   8.705   1.00 78.04 ?  495 ARG A NE  1 
ATOM   324 C CZ  . ARG A 1 56  ? 15.987  2.362   9.791   1.00 73.25 ?  495 ARG A CZ  1 
ATOM   325 N NH1 . ARG A 1 56  ? 15.467  2.959   10.857  1.00 70.25 1  495 ARG A NH1 1 
ATOM   326 N NH2 . ARG A 1 56  ? 17.254  1.946   9.813   1.00 58.60 ?  495 ARG A NH2 1 
ATOM   327 N N   . ALA A 1 57  ? 8.958   0.528   7.780   1.00 21.55 ?  496 ALA A N   1 
ATOM   328 C CA  . ALA A 1 57  ? 7.762   0.800   8.555   1.00 22.31 ?  496 ALA A CA  1 
ATOM   329 C C   . ALA A 1 57  ? 6.902   -0.435  8.750   1.00 24.09 ?  496 ALA A C   1 
ATOM   330 O O   . ALA A 1 57  ? 5.887   -0.370  9.451   1.00 29.92 ?  496 ALA A O   1 
ATOM   331 C CB  . ALA A 1 57  ? 6.952   1.901   7.895   1.00 26.98 ?  496 ALA A CB  1 
ATOM   332 N N   . GLY A 1 58  ? 7.275   -1.562  8.153   1.00 32.50 ?  497 GLY A N   1 
ATOM   333 C CA  . GLY A 1 58  ? 6.583   -2.805  8.426   1.00 26.48 ?  497 GLY A CA  1 
ATOM   334 C C   . GLY A 1 58  ? 5.485   -3.149  7.463   1.00 19.67 ?  497 GLY A C   1 
ATOM   335 O O   . GLY A 1 58  ? 4.632   -3.980  7.785   1.00 23.03 ?  497 GLY A O   1 
ATOM   336 N N   . LEU A 1 59  ? 5.451   -2.511  6.306   1.00 16.15 ?  498 LEU A N   1 
ATOM   337 C CA  . LEU A 1 59  ? 4.595   -2.989  5.236   1.00 23.22 ?  498 LEU A CA  1 
ATOM   338 C C   . LEU A 1 59  ? 5.088   -4.367  4.815   1.00 26.44 ?  498 LEU A C   1 
ATOM   339 O O   . LEU A 1 59  ? 6.292   -4.621  4.803   1.00 24.93 ?  498 LEU A O   1 
ATOM   340 C CB  . LEU A 1 59  ? 4.635   -2.010  4.055   1.00 19.60 ?  498 LEU A CB  1 
ATOM   341 C CG  . LEU A 1 59  ? 3.529   -2.282  3.050   1.00 24.18 ?  498 LEU A CG  1 
ATOM   342 C CD1 . LEU A 1 59  ? 2.185   -1.947  3.687   1.00 16.24 ?  498 LEU A CD1 1 
ATOM   343 C CD2 . LEU A 1 59  ? 3.735   -1.502  1.772   1.00 24.01 ?  498 LEU A CD2 1 
ATOM   344 N N   . GLN A 1 60  ? 4.173   -5.280  4.514   1.00 21.01 ?  499 GLN A N   1 
ATOM   345 C CA  . GLN A 1 60  ? 4.608   -6.598  4.079   1.00 30.05 ?  499 GLN A CA  1 
ATOM   346 C C   . GLN A 1 60  ? 3.826   -7.027  2.855   1.00 35.28 ?  499 GLN A C   1 
ATOM   347 O O   . GLN A 1 60  ? 2.682   -6.614  2.646   1.00 30.54 ?  499 GLN A O   1 
ATOM   348 C CB  . GLN A 1 60  ? 4.440   -7.668  5.162   1.00 24.49 ?  499 GLN A CB  1 
ATOM   349 C CG  . GLN A 1 60  ? 4.759   -7.203  6.544   1.00 30.53 ?  499 GLN A CG  1 
ATOM   350 C CD  . GLN A 1 60  ? 4.982   -8.357  7.500   1.00 33.31 ?  499 GLN A CD  1 
ATOM   351 O OE1 . GLN A 1 60  ? 4.068   -8.813  8.175   1.00 39.71 ?  499 GLN A OE1 1 
ATOM   352 N NE2 . GLN A 1 60  ? 6.209   -8.837  7.551   1.00 45.11 ?  499 GLN A NE2 1 
ATOM   353 N N   . ALA A 1 61  ? 4.442   -7.906  2.069   1.00 34.25 ?  500 ALA A N   1 
ATOM   354 C CA  . ALA A 1 61  ? 3.776   -8.439  0.892   1.00 37.23 ?  500 ALA A CA  1 
ATOM   355 C C   . ALA A 1 61  ? 2.452   -9.059  1.302   1.00 36.17 ?  500 ALA A C   1 
ATOM   356 O O   . ALA A 1 61  ? 2.344   -9.694  2.353   1.00 35.18 ?  500 ALA A O   1 
ATOM   357 C CB  . ALA A 1 61  ? 4.663   -9.472  0.198   1.00 42.99 ?  500 ALA A CB  1 
ATOM   358 N N   . GLY A 1 62  ? 1.425   -8.831  0.493   1.00 32.43 ?  501 GLY A N   1 
ATOM   359 C CA  . GLY A 1 62  ? 0.118   -9.318  0.809   1.00 33.17 ?  501 GLY A CA  1 
ATOM   360 C C   . GLY A 1 62  ? -0.741  -8.335  1.574   1.00 40.45 ?  501 GLY A C   1 
ATOM   361 O O   . GLY A 1 62  ? -1.972  -8.425  1.506   1.00 43.64 ?  501 GLY A O   1 
ATOM   362 N N   . ASP A 1 63  ? -0.130  -7.393  2.298   1.00 34.79 ?  502 ASP A N   1 
ATOM   363 C CA  . ASP A 1 63  ? -0.899  -6.312  2.901   1.00 29.90 ?  502 ASP A CA  1 
ATOM   364 C C   . ASP A 1 63  ? -1.811  -5.693  1.856   1.00 29.80 ?  502 ASP A C   1 
ATOM   365 O O   . ASP A 1 63  ? -1.367  -5.336  0.763   1.00 33.08 ?  502 ASP A O   1 
ATOM   366 C CB  . ASP A 1 63  ? 0.024   -5.237  3.477   1.00 24.40 ?  502 ASP A CB  1 
ATOM   367 C CG  . ASP A 1 63  ? 0.677   -5.640  4.780   1.00 22.78 ?  502 ASP A CG  1 
ATOM   368 O OD1 . ASP A 1 63  ? 0.205   -6.558  5.494   1.00 24.38 ?  502 ASP A OD1 1 
ATOM   369 O OD2 . ASP A 1 63  ? 1.687   -5.003  5.109   1.00 28.53 -1 502 ASP A OD2 1 
ATOM   370 N N   . ARG A 1 64  ? -3.085  -5.572  2.196   1.00 32.20 ?  503 ARG A N   1 
ATOM   371 C CA  . ARG A 1 64  ? -4.096  -5.019  1.306   1.00 33.50 ?  503 ARG A CA  1 
ATOM   372 C C   . ARG A 1 64  ? -4.454  -3.613  1.758   1.00 32.44 ?  503 ARG A C   1 
ATOM   373 O O   . ARG A 1 64  ? -4.703  -3.385  2.943   1.00 29.67 ?  503 ARG A O   1 
ATOM   374 C CB  . ARG A 1 64  ? -5.347  -5.901  1.280   1.00 30.78 ?  503 ARG A CB  1 
ATOM   375 C CG  . ARG A 1 64  ? -6.500  -5.280  0.517   1.00 39.63 ?  503 ARG A CG  1 
ATOM   376 C CD  . ARG A 1 64  ? -7.583  -6.304  0.260   1.00 47.38 ?  503 ARG A CD  1 
ATOM   377 N NE  . ARG A 1 64  ? -8.170  -6.808  1.491   1.00 42.99 ?  503 ARG A NE  1 
ATOM   378 C CZ  . ARG A 1 64  ? -9.195  -6.227  2.090   1.00 46.12 ?  503 ARG A CZ  1 
ATOM   379 N NH1 . ARG A 1 64  ? -9.716  -5.128  1.564   1.00 39.74 1  503 ARG A NH1 1 
ATOM   380 N NH2 . ARG A 1 64  ? -9.694  -6.740  3.207   1.00 46.70 ?  503 ARG A NH2 1 
ATOM   381 N N   . LEU A 1 65  ? -4.500  -2.687  0.810   1.00 29.20 ?  504 LEU A N   1 
ATOM   382 C CA  . LEU A 1 65  ? -4.676  -1.274  1.092   1.00 25.79 ?  504 LEU A CA  1 
ATOM   383 C C   . LEU A 1 65  ? -6.132  -0.978  1.422   1.00 34.73 ?  504 LEU A C   1 
ATOM   384 O O   . LEU A 1 65  ? -7.029  -1.270  0.625   1.00 44.10 ?  504 LEU A O   1 
ATOM   385 C CB  . LEU A 1 65  ? -4.225  -0.465  -0.117  1.00 30.37 ?  504 LEU A CB  1 
ATOM   386 C CG  . LEU A 1 65  ? -4.077  1.033   0.128   1.00 40.24 ?  504 LEU A CG  1 
ATOM   387 C CD1 . LEU A 1 65  ? -3.364  1.319   1.458   1.00 33.85 ?  504 LEU A CD1 1 
ATOM   388 C CD2 . LEU A 1 65  ? -3.322  1.673   -1.019  1.00 42.30 ?  504 LEU A CD2 1 
ATOM   389 N N   . LEU A 1 66  ? -6.374  -0.393  2.590   1.00 23.96 ?  505 LEU A N   1 
ATOM   390 C CA  . LEU A 1 66  ? -7.708  0.013   2.983   1.00 23.14 ?  505 LEU A CA  1 
ATOM   391 C C   . LEU A 1 66  ? -7.865  1.526   3.053   1.00 32.71 ?  505 LEU A C   1 
ATOM   392 O O   . LEU A 1 66  ? -8.850  2.070   2.545   1.00 38.24 ?  505 LEU A O   1 
ATOM   393 C CB  . LEU A 1 66  ? -8.050  -0.603  4.333   1.00 27.94 ?  505 LEU A CB  1 
ATOM   394 C CG  . LEU A 1 66  ? -8.711  -1.984  4.377   1.00 38.68 ?  505 LEU A CG  1 
ATOM   395 C CD1 . LEU A 1 66  ? -8.072  -2.979  3.431   1.00 31.99 ?  505 LEU A CD1 1 
ATOM   396 C CD2 . LEU A 1 66  ? -8.633  -2.514  5.808   1.00 31.94 ?  505 LEU A CD2 1 
ATOM   397 N N   . GLU A 1 67  ? -6.938  2.230   3.695   1.00 26.77 ?  506 GLU A N   1 
ATOM   398 C CA  . GLU A 1 67  ? -7.047  3.677   3.834   1.00 27.21 ?  506 GLU A CA  1 
ATOM   399 C C   . GLU A 1 67  ? -5.713  4.314   3.478   1.00 25.43 ?  506 GLU A C   1 
ATOM   400 O O   . GLU A 1 67  ? -4.646  3.794   3.809   1.00 23.43 ?  506 GLU A O   1 
ATOM   401 C CB  . GLU A 1 67  ? -7.445  4.121   5.254   1.00 25.86 ?  506 GLU A CB  1 
ATOM   402 C CG  . GLU A 1 67  ? -8.758  3.553   5.812   1.00 26.27 ?  506 GLU A CG  1 
ATOM   403 C CD  . GLU A 1 67  ? -9.083  4.105   7.199   1.00 28.22 ?  506 GLU A CD  1 
ATOM   404 O OE1 . GLU A 1 67  ? -8.256  4.869   7.754   1.00 26.14 ?  506 GLU A OE1 1 
ATOM   405 O OE2 . GLU A 1 67  ? -10.161 3.767   7.747   1.00 34.94 -1 506 GLU A OE2 1 
ATOM   406 N N   . LEU A 1 68  ? -5.797  5.460   2.823   1.00 29.59 ?  507 LEU A N   1 
ATOM   407 C CA  . LEU A 1 68  ? -4.661  6.283   2.453   1.00 22.90 ?  507 LEU A CA  1 
ATOM   408 C C   . LEU A 1 68  ? -4.906  7.644   3.076   1.00 20.89 ?  507 LEU A C   1 
ATOM   409 O O   . LEU A 1 68  ? -5.895  8.300   2.745   1.00 22.46 ?  507 LEU A O   1 
ATOM   410 C CB  . LEU A 1 68  ? -4.560  6.377   0.933   1.00 20.04 ?  507 LEU A CB  1 
ATOM   411 C CG  . LEU A 1 68  ? -3.580  7.342   0.288   1.00 20.57 ?  507 LEU A CG  1 
ATOM   412 C CD1 . LEU A 1 68  ? -2.196  6.889   0.626   1.00 19.65 ?  507 LEU A CD1 1 
ATOM   413 C CD2 . LEU A 1 68  ? -3.794  7.290   -1.198  1.00 22.33 ?  507 LEU A CD2 1 
ATOM   414 N N   . ASN A 1 69  ? -4.035  8.050   3.993   1.00 21.37 ?  508 ASN A N   1 
ATOM   415 C CA  . ASN A 1 69  ? -4.178  9.318   4.707   1.00 19.59 ?  508 ASN A CA  1 
ATOM   416 C C   . ASN A 1 69  ? -5.590  9.470   5.278   1.00 19.83 ?  508 ASN A C   1 
ATOM   417 O O   . ASN A 1 69  ? -6.287  10.463  5.060   1.00 23.31 ?  508 ASN A O   1 
ATOM   418 C CB  . ASN A 1 69  ? -3.808  10.496  3.807   1.00 14.67 ?  508 ASN A CB  1 
ATOM   419 C CG  . ASN A 1 69  ? -2.284  10.558  3.487   1.00 24.08 ?  508 ASN A CG  1 
ATOM   420 O OD1 . ASN A 1 69  ? -1.442  10.003  4.207   1.00 20.73 ?  508 ASN A OD1 1 
ATOM   421 N ND2 . ASN A 1 69  ? -1.940  11.265  2.412   1.00 22.75 ?  508 ASN A ND2 1 
ATOM   422 N N   . GLY A 1 70  ? -6.025  8.448   5.985   1.00 26.77 ?  509 GLY A N   1 
ATOM   423 C CA  . GLY A 1 70  ? -7.329  8.507   6.611   1.00 26.65 ?  509 GLY A CA  1 
ATOM   424 C C   . GLY A 1 70  ? -8.491  8.621   5.660   1.00 29.54 ?  509 GLY A C   1 
ATOM   425 O O   . GLY A 1 70  ? -9.587  8.984   6.091   1.00 37.83 ?  509 GLY A O   1 
ATOM   426 N N   . VAL A 1 71  ? -8.294  8.334   4.371   1.00 29.90 ?  510 VAL A N   1 
ATOM   427 C CA  . VAL A 1 71  ? -9.388  8.267   3.405   1.00 29.68 ?  510 VAL A CA  1 
ATOM   428 C C   . VAL A 1 71  ? -9.578  6.811   3.016   1.00 30.62 ?  510 VAL A C   1 
ATOM   429 O O   . VAL A 1 71  ? -8.600  6.109   2.739   1.00 28.19 ?  510 VAL A O   1 
ATOM   430 C CB  . VAL A 1 71  ? -9.106  9.135   2.165   1.00 26.03 ?  510 VAL A CB  1 
ATOM   431 C CG1 . VAL A 1 71  ? -10.236 9.033   1.168   1.00 27.22 ?  510 VAL A CG1 1 
ATOM   432 C CG2 . VAL A 1 71  ? -8.915  10.561  2.568   1.00 24.80 ?  510 VAL A CG2 1 
ATOM   433 N N   . ASP A 1 72  ? -10.827 6.356   2.997   1.00 31.19 ?  511 ASP A N   1 
ATOM   434 C CA  . ASP A 1 72  ? -11.119 5.026   2.463   1.00 32.99 ?  511 ASP A CA  1 
ATOM   435 C C   . ASP A 1 72  ? -10.763 4.965   0.985   1.00 34.29 ?  511 ASP A C   1 
ATOM   436 O O   . ASP A 1 72  ? -11.304 5.725   0.178   1.00 41.92 ?  511 ASP A O   1 
ATOM   437 C CB  . ASP A 1 72  ? -12.594 4.690   2.656   1.00 30.58 ?  511 ASP A CB  1 
ATOM   438 C CG  . ASP A 1 72  ? -12.944 3.295   2.153   1.00 41.49 ?  511 ASP A CG  1 
ATOM   439 O OD1 . ASP A 1 72  ? -12.104 2.637   1.490   1.00 44.75 ?  511 ASP A OD1 1 
ATOM   440 O OD2 . ASP A 1 72  ? -14.089 2.863   2.404   1.00 56.64 -1 511 ASP A OD2 1 
ATOM   441 N N   . VAL A 1 73  ? -9.880  4.040   0.625   1.00 28.26 ?  512 VAL A N   1 
ATOM   442 C CA  . VAL A 1 73  ? -9.420  3.906   -0.752  1.00 33.97 ?  512 VAL A CA  1 
ATOM   443 C C   . VAL A 1 73  ? -9.559  2.466   -1.212  1.00 36.46 ?  512 VAL A C   1 
ATOM   444 O O   . VAL A 1 73  ? -8.864  2.036   -2.139  1.00 38.06 ?  512 VAL A O   1 
ATOM   445 C CB  . VAL A 1 73  ? -7.958  4.367   -0.903  1.00 37.49 ?  512 VAL A CB  1 
ATOM   446 C CG1 . VAL A 1 73  ? -7.810  5.822   -0.474  1.00 31.06 ?  512 VAL A CG1 1 
ATOM   447 C CG2 . VAL A 1 73  ? -7.016  3.451   -0.114  1.00 32.48 ?  512 VAL A CG2 1 
ATOM   448 N N   . SER A 1 74  ? -10.445 1.712   -0.559  1.00 36.41 ?  513 SER A N   1 
ATOM   449 C CA  . SER A 1 74  ? -10.593 0.292   -0.857  1.00 40.78 ?  513 SER A CA  1 
ATOM   450 C C   . SER A 1 74  ? -11.335 0.031   -2.168  1.00 46.70 ?  513 SER A C   1 
ATOM   451 O O   . SER A 1 74  ? -11.245 -1.071  -2.715  1.00 49.53 ?  513 SER A O   1 
ATOM   452 C CB  . SER A 1 74  ? -11.321 -0.378  0.297   1.00 36.82 ?  513 SER A CB  1 
ATOM   453 O OG  . SER A 1 74  ? -12.405 0.440   0.717   1.00 40.76 ?  513 SER A OG  1 
ATOM   454 N N   . PHE A 1 75  ? -12.038 1.028   -2.693  1.00 49.65 ?  514 PHE A N   1 
ATOM   455 C CA  . PHE A 1 75  ? -12.896 0.900   -3.862  1.00 44.32 ?  514 PHE A CA  1 
ATOM   456 C C   . PHE A 1 75  ? -12.432 1.781   -5.019  1.00 44.66 ?  514 PHE A C   1 
ATOM   457 O O   . PHE A 1 75  ? -13.245 2.220   -5.827  1.00 45.92 ?  514 PHE A O   1 
ATOM   458 C CB  . PHE A 1 75  ? -14.329 1.263   -3.492  1.00 44.92 ?  514 PHE A CB  1 
ATOM   459 C CG  . PHE A 1 75  ? -14.516 2.721   -3.172  1.00 50.05 ?  514 PHE A CG  1 
ATOM   460 C CD1 . PHE A 1 75  ? -13.872 3.303   -2.081  1.00 52.59 ?  514 PHE A CD1 1 
ATOM   461 C CD2 . PHE A 1 75  ? -15.346 3.511   -3.948  1.00 45.70 ?  514 PHE A CD2 1 
ATOM   462 C CE1 . PHE A 1 75  ? -14.044 4.650   -1.781  1.00 49.13 ?  514 PHE A CE1 1 
ATOM   463 C CE2 . PHE A 1 75  ? -15.529 4.849   -3.648  1.00 49.57 ?  514 PHE A CE2 1 
ATOM   464 C CZ  . PHE A 1 75  ? -14.873 5.419   -2.566  1.00 47.79 ?  514 PHE A CZ  1 
ATOM   465 N N   . TRP A 1 76  ? -11.144 2.066   -5.110  1.00 39.13 ?  515 TRP A N   1 
ATOM   466 C CA  . TRP A 1 76  ? -10.661 2.996   -6.113  1.00 34.65 ?  515 TRP A CA  1 
ATOM   467 C C   . TRP A 1 76  ? -10.003 2.247   -7.257  1.00 44.54 ?  515 TRP A C   1 
ATOM   468 O O   . TRP A 1 76  ? -9.778  1.035   -7.202  1.00 49.87 ?  515 TRP A O   1 
ATOM   469 C CB  . TRP A 1 76  ? -9.661  3.973   -5.515  1.00 35.30 ?  515 TRP A CB  1 
ATOM   470 C CG  . TRP A 1 76  ? -10.228 4.984   -4.615  1.00 31.73 ?  515 TRP A CG  1 
ATOM   471 C CD1 . TRP A 1 76  ? -11.452 4.978   -4.036  1.00 36.01 ?  515 TRP A CD1 1 
ATOM   472 C CD2 . TRP A 1 76  ? -9.576  6.172   -4.174  1.00 27.50 ?  515 TRP A CD2 1 
ATOM   473 N NE1 . TRP A 1 76  ? -11.605 6.097   -3.248  1.00 36.39 ?  515 TRP A NE1 1 
ATOM   474 C CE2 . TRP A 1 76  ? -10.462 6.847   -3.329  1.00 33.55 ?  515 TRP A CE2 1 
ATOM   475 C CE3 . TRP A 1 76  ? -8.324  6.721   -4.407  1.00 32.50 ?  515 TRP A CE3 1 
ATOM   476 C CZ2 . TRP A 1 76  ? -10.135 8.047   -2.723  1.00 36.01 ?  515 TRP A CZ2 1 
ATOM   477 C CZ3 . TRP A 1 76  ? -8.008  7.904   -3.809  1.00 35.58 ?  515 TRP A CZ3 1 
ATOM   478 C CH2 . TRP A 1 76  ? -8.903  8.557   -2.978  1.00 27.60 ?  515 TRP A CH2 1 
ATOM   479 N N   . SER A 1 77  ? -9.691  3.000   -8.307  1.00 43.37 ?  516 SER A N   1 
ATOM   480 C CA  . SER A 1 77  ? -8.907  2.496   -9.418  1.00 44.44 ?  516 SER A CA  1 
ATOM   481 C C   . SER A 1 77  ? -7.437  2.442   -9.039  1.00 45.43 ?  516 SER A C   1 
ATOM   482 O O   . SER A 1 77  ? -6.962  3.226   -8.216  1.00 43.51 ?  516 SER A O   1 
ATOM   483 C CB  . SER A 1 77  ? -9.056  3.409   -10.619 1.00 45.18 ?  516 SER A CB  1 
ATOM   484 O OG  . SER A 1 77  ? -8.544  4.682   -10.267 1.00 42.23 ?  516 SER A OG  1 
ATOM   485 N N   . HIS A 1 78  ? -6.705  1.532   -9.686  1.00 49.87 ?  517 HIS A N   1 
ATOM   486 C CA  . HIS A 1 78  ? -5.281  1.418   -9.409  1.00 47.00 ?  517 HIS A CA  1 
ATOM   487 C C   . HIS A 1 78  ? -4.550  2.735   -9.599  1.00 42.38 ?  517 HIS A C   1 
ATOM   488 O O   . HIS A 1 78  ? -3.573  3.001   -8.894  1.00 46.35 ?  517 HIS A O   1 
ATOM   489 C CB  . HIS A 1 78  ? -4.633  0.355   -10.294 1.00 53.36 ?  517 HIS A CB  1 
ATOM   490 C CG  . HIS A 1 78  ? -3.177  0.140   -10.008 1.00 48.94 ?  517 HIS A CG  1 
ATOM   491 N ND1 . HIS A 1 78  ? -2.726  -0.650  -8.971  1.00 50.42 ?  517 HIS A ND1 1 
ATOM   492 C CD2 . HIS A 1 78  ? -2.067  0.610   -10.628 1.00 54.07 ?  517 HIS A CD2 1 
ATOM   493 C CE1 . HIS A 1 78  ? -1.403  -0.655  -8.963  1.00 48.95 ?  517 HIS A CE1 1 
ATOM   494 N NE2 . HIS A 1 78  ? -0.978  0.097   -9.962  1.00 49.54 ?  517 HIS A NE2 1 
ATOM   495 N N   . ARG A 1 79  ? -4.990  3.574   -10.537 1.00 43.88 ?  518 ARG A N   1 
ATOM   496 C CA  . ARG A 1 79  ? -4.177  4.748   -10.832 1.00 41.76 ?  518 ARG A CA  1 
ATOM   497 C C   . ARG A 1 79  ? -4.508  5.900   -9.902  1.00 39.42 ?  518 ARG A C   1 
ATOM   498 O O   . ARG A 1 79  ? -3.621  6.691   -9.557  1.00 40.65 ?  518 ARG A O   1 
ATOM   499 C CB  . ARG A 1 79  ? -4.327  5.184   -12.291 1.00 43.66 ?  518 ARG A CB  1 
ATOM   500 C CG  . ARG A 1 79  ? -3.326  6.299   -12.635 1.00 46.38 ?  518 ARG A CG  1 
ATOM   501 C CD  . ARG A 1 79  ? -1.965  5.677   -13.057 1.00 48.73 ?  518 ARG A CD  1 
ATOM   502 N NE  . ARG A 1 79  ? -0.821  6.530   -12.733 1.00 62.28 ?  518 ARG A NE  1 
ATOM   503 C CZ  . ARG A 1 79  ? 0.358   6.085   -12.281 1.00 64.35 ?  518 ARG A CZ  1 
ATOM   504 N NH1 . ARG A 1 79  ? 0.574   4.774   -12.100 1.00 53.71 1  518 ARG A NH1 1 
ATOM   505 N NH2 . ARG A 1 79  ? 1.337   6.956   -12.008 1.00 53.84 ?  518 ARG A NH2 1 
ATOM   506 N N   . LYS A 1 80  ? -5.768  6.010   -9.481  1.00 35.67 ?  519 LYS A N   1 
ATOM   507 C CA  . LYS A 1 80  ? -6.098  7.053   -8.518  1.00 37.90 ?  519 LYS A CA  1 
ATOM   508 C C   . LYS A 1 80  ? -5.360  6.817   -7.214  1.00 33.88 ?  519 LYS A C   1 
ATOM   509 O O   . LYS A 1 80  ? -4.809  7.754   -6.634  1.00 35.07 ?  519 LYS A O   1 
ATOM   510 C CB  . LYS A 1 80  ? -7.603  7.124   -8.282  1.00 35.04 ?  519 LYS A CB  1 
ATOM   511 C CG  . LYS A 1 80  ? -8.042  8.340   -7.459  1.00 33.80 ?  519 LYS A CG  1 
ATOM   512 C CD  . LYS A 1 80  ? -9.563  8.540   -7.567  1.00 42.84 ?  519 LYS A CD  1 
ATOM   513 C CE  . LYS A 1 80  ? -10.191 9.249   -6.368  1.00 37.58 ?  519 LYS A CE  1 
ATOM   514 N NZ  . LYS A 1 80  ? -9.849  10.710  -6.283  1.00 52.60 1  519 LYS A NZ  1 
ATOM   515 N N   . VAL A 1 81  ? -5.302  5.562   -6.767  1.00 35.68 ?  520 VAL A N   1 
ATOM   516 C CA  . VAL A 1 81  ? -4.562  5.227   -5.553  1.00 29.41 ?  520 VAL A CA  1 
ATOM   517 C C   . VAL A 1 81  ? -3.080  5.553   -5.722  1.00 30.69 ?  520 VAL A C   1 
ATOM   518 O O   . VAL A 1 81  ? -2.478  6.246   -4.889  1.00 29.37 ?  520 VAL A O   1 
ATOM   519 C CB  . VAL A 1 81  ? -4.776  3.749   -5.192  1.00 35.28 ?  520 VAL A CB  1 
ATOM   520 C CG1 . VAL A 1 81  ? -3.695  3.279   -4.231  1.00 25.56 ?  520 VAL A CG1 1 
ATOM   521 C CG2 . VAL A 1 81  ? -6.166  3.548   -4.591  1.00 39.61 ?  520 VAL A CG2 1 
ATOM   522 N N   . VAL A 1 82  ? -2.475  5.072   -6.813  1.00 28.60 ?  521 VAL A N   1 
ATOM   523 C CA  . VAL A 1 82  ? -1.049  5.296   -7.045  1.00 27.55 ?  521 VAL A CA  1 
ATOM   524 C C   . VAL A 1 82  ? -0.741  6.789   -7.128  1.00 32.28 ?  521 VAL A C   1 
ATOM   525 O O   . VAL A 1 82  ? 0.207   7.287   -6.494  1.00 28.48 ?  521 VAL A O   1 
ATOM   526 C CB  . VAL A 1 82  ? -0.592  4.539   -8.304  1.00 30.50 ?  521 VAL A CB  1 
ATOM   527 C CG1 . VAL A 1 82  ? 0.730   5.072   -8.808  1.00 33.91 ?  521 VAL A CG1 1 
ATOM   528 C CG2 . VAL A 1 82  ? -0.436  3.077   -7.970  1.00 35.17 ?  521 VAL A CG2 1 
ATOM   529 N N   . ASP A 1 83  ? -1.545  7.529   -7.904  1.00 33.91 ?  522 ASP A N   1 
ATOM   530 C CA  . ASP A 1 83  ? -1.297  8.959   -8.060  1.00 35.30 ?  522 ASP A CA  1 
ATOM   531 C C   . ASP A 1 83  ? -1.329  9.671   -6.720  1.00 27.73 ?  522 ASP A C   1 
ATOM   532 O O   . ASP A 1 83  ? -0.459  10.499  -6.432  1.00 28.52 ?  522 ASP A O   1 
ATOM   533 C CB  . ASP A 1 83  ? -2.311  9.579   -9.018  1.00 38.85 ?  522 ASP A CB  1 
ATOM   534 C CG  . ASP A 1 83  ? -1.982  9.305   -10.475 1.00 44.60 ?  522 ASP A CG  1 
ATOM   535 O OD1 . ASP A 1 83  ? -0.824  8.912   -10.791 1.00 41.33 -1 522 ASP A OD1 1 
ATOM   536 O OD2 . ASP A 1 83  ? -2.900  9.488   -11.304 1.00 50.72 ?  522 ASP A OD2 1 
ATOM   537 N N   . GLU A 1 84  ? -2.315  9.349   -5.881  1.00 24.80 ?  523 GLU A N   1 
ATOM   538 C CA  . GLU A 1 84  ? -2.394  9.975   -4.569  1.00 24.86 ?  523 GLU A CA  1 
ATOM   539 C C   . GLU A 1 84  ? -1.245  9.524   -3.677  1.00 23.89 ?  523 GLU A C   1 
ATOM   540 O O   . GLU A 1 84  ? -0.728  10.310  -2.867  1.00 20.32 ?  523 GLU A O   1 
ATOM   541 C CB  . GLU A 1 84  ? -3.746  9.671   -3.923  1.00 22.50 ?  523 GLU A CB  1 
ATOM   542 C CG  . GLU A 1 84  ? -4.899  10.491  -4.508  1.00 30.98 ?  523 GLU A CG  1 
ATOM   543 C CD  . GLU A 1 84  ? -4.744  11.987  -4.261  1.00 26.98 ?  523 GLU A CD  1 
ATOM   544 O OE1 . GLU A 1 84  ? -5.322  12.508  -3.276  1.00 31.10 ?  523 GLU A OE1 1 
ATOM   545 O OE2 . GLU A 1 84  ? -4.036  12.650  -5.050  1.00 21.63 -1 523 GLU A OE2 1 
ATOM   546 N N   . ILE A 1 85  ? -0.813  8.278   -3.814  1.00 24.74 ?  524 ILE A N   1 
ATOM   547 C CA  . ILE A 1 85  ? 0.376   7.872   -3.080  1.00 24.58 ?  524 ILE A CA  1 
ATOM   548 C C   . ILE A 1 85  ? 1.569   8.736   -3.489  1.00 23.46 ?  524 ILE A C   1 
ATOM   549 O O   . ILE A 1 85  ? 2.300   9.253   -2.637  1.00 20.88 ?  524 ILE A O   1 
ATOM   550 C CB  . ILE A 1 85  ? 0.629   6.370   -3.279  1.00 19.50 ?  524 ILE A CB  1 
ATOM   551 C CG1 . ILE A 1 85  ? -0.405  5.596   -2.444  1.00 18.56 ?  524 ILE A CG1 1 
ATOM   552 C CG2 . ILE A 1 85  ? 2.070   6.042   -2.906  1.00 22.65 ?  524 ILE A CG2 1 
ATOM   553 C CD1 . ILE A 1 85  ? -0.370  4.097   -2.585  1.00 15.60 ?  524 ILE A CD1 1 
ATOM   554 N N   . LYS A 1 86  ? 1.743   8.966   -4.790  1.00 28.05 ?  525 LYS A N   1 
ATOM   555 C CA  . LYS A 1 86  ? 2.868   9.788   -5.229  1.00 30.52 ?  525 LYS A CA  1 
ATOM   556 C C   . LYS A 1 86  ? 2.709   11.250  -4.831  1.00 29.74 ?  525 LYS A C   1 
ATOM   557 O O   . LYS A 1 86  ? 3.725   11.952  -4.681  1.00 21.91 ?  525 LYS A O   1 
ATOM   558 C CB  . LYS A 1 86  ? 3.053   9.678   -6.743  1.00 28.36 ?  525 LYS A CB  1 
ATOM   559 C CG  . LYS A 1 86  ? 3.383   8.263   -7.194  1.00 31.34 ?  525 LYS A CG  1 
ATOM   560 C CD  . LYS A 1 86  ? 3.107   8.061   -8.666  1.00 36.44 ?  525 LYS A CD  1 
ATOM   561 C CE  . LYS A 1 86  ? 4.183   7.179   -9.268  1.00 46.17 ?  525 LYS A CE  1 
ATOM   562 N NZ  . LYS A 1 86  ? 3.713   6.400   -10.452 1.00 52.00 1  525 LYS A NZ  1 
ATOM   563 N N   . ARG A 1 87  ? 1.458   11.714  -4.647  1.00 24.90 ?  526 ARG A N   1 
ATOM   564 C CA  . ARG A 1 87  ? 1.153   13.104  -4.352  1.00 19.42 ?  526 ARG A CA  1 
ATOM   565 C C   . ARG A 1 87  ? 1.094   13.386  -2.860  1.00 26.64 ?  526 ARG A C   1 
ATOM   566 O O   . ARG A 1 87  ? 0.843   14.543  -2.454  1.00 20.12 ?  526 ARG A O   1 
ATOM   567 C CB  . ARG A 1 87  ? -0.156  13.487  -5.021  1.00 16.70 ?  526 ARG A CB  1 
ATOM   568 C CG  . ARG A 1 87  ? 0.018   13.652  -6.502  1.00 22.66 ?  526 ARG A CG  1 
ATOM   569 C CD  . ARG A 1 87  ? -1.301  13.964  -7.200  1.00 27.99 ?  526 ARG A CD  1 
ATOM   570 N NE  . ARG A 1 87  ? -1.837  15.246  -6.770  1.00 21.27 ?  526 ARG A NE  1 
ATOM   571 C CZ  . ARG A 1 87  ? -1.422  16.406  -7.248  1.00 26.08 ?  526 ARG A CZ  1 
ATOM   572 N NH1 . ARG A 1 87  ? -0.472  16.402  -8.174  1.00 19.75 1  526 ARG A NH1 1 
ATOM   573 N NH2 . ARG A 1 87  ? -1.954  17.554  -6.813  1.00 24.30 ?  526 ARG A NH2 1 
ATOM   574 N N   . SER A 1 88  ? 1.327   12.353  -2.041  1.00 21.36 ?  527 SER A N   1 
ATOM   575 C CA  . SER A 1 88  ? 1.203   12.471  -0.595  1.00 19.37 ?  527 SER A CA  1 
ATOM   576 C C   . SER A 1 88  ? 2.340   13.270  0.005   1.00 24.88 ?  527 SER A C   1 
ATOM   577 O O   . SER A 1 88  ? 2.239   13.686  1.164   1.00 25.31 ?  527 SER A O   1 
ATOM   578 C CB  . SER A 1 88  ? 1.150   11.093  0.047   1.00 17.74 ?  527 SER A CB  1 
ATOM   579 O OG  . SER A 1 88  ? 0.851   11.192  1.419   1.00 21.42 ?  527 SER A OG  1 
ATOM   580 N N   . GLY A 1 89  ? 3.405   13.504  -0.757  1.00 21.95 ?  528 GLY A N   1 
ATOM   581 C CA  . GLY A 1 89  ? 4.525   14.260  -0.248  1.00 21.63 ?  528 GLY A CA  1 
ATOM   582 C C   . GLY A 1 89  ? 5.555   13.382  0.422   1.00 29.49 ?  528 GLY A C   1 
ATOM   583 O O   . GLY A 1 89  ? 5.816   12.248  0.010   1.00 23.00 ?  528 GLY A O   1 
ATOM   584 N N   . ASP A 1 90  ? 6.149   13.895  1.479   1.00 33.59 ?  529 ASP A N   1 
ATOM   585 C CA  . ASP A 1 90  ? 7.256   13.165  2.062   1.00 30.87 ?  529 ASP A CA  1 
ATOM   586 C C   . ASP A 1 90  ? 6.794   12.040  2.966   1.00 29.77 ?  529 ASP A C   1 
ATOM   587 O O   . ASP A 1 90  ? 7.545   11.081  3.172   1.00 33.53 ?  529 ASP A O   1 
ATOM   588 C CB  . ASP A 1 90  ? 8.163   14.139  2.810   1.00 38.45 ?  529 ASP A CB  1 
ATOM   589 C CG  . ASP A 1 90  ? 9.037   14.916  1.863   1.00 48.18 ?  529 ASP A CG  1 
ATOM   590 O OD1 . ASP A 1 90  ? 9.239   14.410  0.723   1.00 43.82 -1 529 ASP A OD1 1 
ATOM   591 O OD2 . ASP A 1 90  ? 9.517   16.007  2.248   1.00 54.87 ?  529 ASP A OD2 1 
ATOM   592 N N   . VAL A 1 91  ? 5.580   12.124  3.480   1.00 25.91 ?  530 VAL A N   1 
ATOM   593 C CA  . VAL A 1 91  ? 5.023   11.136  4.381   1.00 23.79 ?  530 VAL A CA  1 
ATOM   594 C C   . VAL A 1 91  ? 3.711   10.627  3.810   1.00 20.83 ?  530 VAL A C   1 
ATOM   595 O O   . VAL A 1 91  ? 2.959   11.372  3.182   1.00 22.53 ?  530 VAL A O   1 
ATOM   596 C CB  . VAL A 1 91  ? 4.806   11.749  5.770   1.00 27.84 ?  530 VAL A CB  1 
ATOM   597 C CG1 . VAL A 1 91  ? 4.512   10.662  6.765   1.00 25.02 ?  530 VAL A CG1 1 
ATOM   598 C CG2 . VAL A 1 91  ? 6.026   12.542  6.172   1.00 38.74 ?  530 VAL A CG2 1 
ATOM   599 N N   . VAL A 1 92  ? 3.417   9.357   4.071   1.00 18.67 ?  531 VAL A N   1 
ATOM   600 C CA  . VAL A 1 92  ? 2.149   8.745   3.699   1.00 16.31 ?  531 VAL A CA  1 
ATOM   601 C C   . VAL A 1 92  ? 1.697   7.927   4.891   1.00 20.23 ?  531 VAL A C   1 
ATOM   602 O O   . VAL A 1 92  ? 2.517   7.447   5.674   1.00 25.59 ?  531 VAL A O   1 
ATOM   603 C CB  . VAL A 1 92  ? 2.272   7.846   2.436   1.00 21.46 ?  531 VAL A CB  1 
ATOM   604 C CG1 . VAL A 1 92  ? 2.958   6.541   2.768   1.00 20.89 ?  531 VAL A CG1 1 
ATOM   605 C CG2 . VAL A 1 92  ? 0.945   7.569   1.814   1.00 18.36 ?  531 VAL A CG2 1 
ATOM   606 N N   . ALA A 1 93  ? 0.391   7.767   5.029   1.00 19.05 ?  532 ALA A N   1 
ATOM   607 C CA  . ALA A 1 93  ? -0.183  6.873   6.021   1.00 18.34 ?  532 ALA A CA  1 
ATOM   608 C C   . ALA A 1 93  ? -1.131  5.908   5.330   1.00 19.08 ?  532 ALA A C   1 
ATOM   609 O O   . ALA A 1 93  ? -1.927  6.299   4.466   1.00 15.44 ?  532 ALA A O   1 
ATOM   610 C CB  . ALA A 1 93  ? -0.930  7.632   7.114   1.00 22.92 ?  532 ALA A CB  1 
ATOM   611 N N   . PHE A 1 94  ? -1.011  4.639   5.716   1.00 23.87 ?  533 PHE A N   1 
ATOM   612 C CA  . PHE A 1 94  ? -1.811  3.535   5.213   1.00 16.76 ?  533 PHE A CA  1 
ATOM   613 C C   . PHE A 1 94  ? -2.513  2.887   6.390   1.00 19.07 ?  533 PHE A C   1 
ATOM   614 O O   . PHE A 1 94  ? -1.927  2.752   7.472   1.00 19.73 ?  533 PHE A O   1 
ATOM   615 C CB  . PHE A 1 94  ? -0.945  2.473   4.511   1.00 12.90 ?  533 PHE A CB  1 
ATOM   616 C CG  . PHE A 1 94  ? -0.312  2.943   3.227   1.00 22.61 ?  533 PHE A CG  1 
ATOM   617 C CD1 . PHE A 1 94  ? -1.030  3.698   2.320   1.00 22.86 ?  533 PHE A CD1 1 
ATOM   618 C CD2 . PHE A 1 94  ? 1.011   2.649   2.940   1.00 22.06 ?  533 PHE A CD2 1 
ATOM   619 C CE1 . PHE A 1 94  ? -0.450  4.131   1.136   1.00 20.61 ?  533 PHE A CE1 1 
ATOM   620 C CE2 . PHE A 1 94  ? 1.601   3.103   1.765   1.00 21.25 ?  533 PHE A CE2 1 
ATOM   621 C CZ  . PHE A 1 94  ? 0.861   3.845   0.868   1.00 20.18 ?  533 PHE A CZ  1 
ATOM   622 N N   . ARG A 1 95  ? -3.762  2.493   6.179   1.00 16.17 ?  534 ARG A N   1 
ATOM   623 C CA  . ARG A 1 95  ? -4.387  1.427   6.945   1.00 17.42 ?  534 ARG A CA  1 
ATOM   624 C C   . ARG A 1 95  ? -4.559  0.233   6.018   1.00 16.33 ?  534 ARG A C   1 
ATOM   625 O O   . ARG A 1 95  ? -5.046  0.387   4.898   1.00 24.05 ?  534 ARG A O   1 
ATOM   626 C CB  . ARG A 1 95  ? -5.733  1.870   7.507   1.00 18.82 ?  534 ARG A CB  1 
ATOM   627 C CG  . ARG A 1 95  ? -6.429  0.838   8.371   1.00 17.21 ?  534 ARG A CG  1 
ATOM   628 C CD  . ARG A 1 95  ? -7.675  1.426   8.940   1.00 15.02 ?  534 ARG A CD  1 
ATOM   629 N NE  . ARG A 1 95  ? -8.198  0.581   10.001  1.00 21.05 ?  534 ARG A NE  1 
ATOM   630 C CZ  . ARG A 1 95  ? -9.308  0.870   10.674  1.00 26.00 ?  534 ARG A CZ  1 
ATOM   631 N NH1 . ARG A 1 95  ? -9.989  1.970   10.370  1.00 18.54 1  534 ARG A NH1 1 
ATOM   632 N NH2 . ARG A 1 95  ? -9.743  0.059   11.639  1.00 23.64 ?  534 ARG A NH2 1 
ATOM   633 N N   . ILE A 1 96  ? -4.157  -0.945  6.471   1.00 14.81 ?  535 ILE A N   1 
ATOM   634 C CA  . ILE A 1 96  ? -4.136  -2.133  5.628   1.00 20.77 ?  535 ILE A CA  1 
ATOM   635 C C   . ILE A 1 96  ? -4.753  -3.313  6.362   1.00 23.19 ?  535 ILE A C   1 
ATOM   636 O O   . ILE A 1 96  ? -4.891  -3.314  7.583   1.00 24.01 ?  535 ILE A O   1 
ATOM   637 C CB  . ILE A 1 96  ? -2.714  -2.496  5.180   1.00 23.49 ?  535 ILE A CB  1 
ATOM   638 C CG1 . ILE A 1 96  ? -1.802  -2.667  6.411   1.00 18.65 ?  535 ILE A CG1 1 
ATOM   639 C CG2 . ILE A 1 96  ? -2.230  -1.474  4.163   1.00 22.91 ?  535 ILE A CG2 1 
ATOM   640 C CD1 . ILE A 1 96  ? -1.577  -4.136  6.842   1.00 21.57 ?  535 ILE A CD1 1 
ATOM   641 N N   . ALA A 1 97  ? -5.069  -4.346  5.582   1.00 28.47 ?  536 ALA A N   1 
ATOM   642 C CA  . ALA A 1 97  ? -5.587  -5.612  6.088   1.00 30.61 ?  536 ALA A CA  1 
ATOM   643 C C   . ALA A 1 97  ? -4.575  -6.711  5.794   1.00 28.60 ?  536 ALA A C   1 
ATOM   644 O O   . ALA A 1 97  ? -4.062  -6.802  4.678   1.00 31.86 ?  536 ALA A O   1 
ATOM   645 C CB  . ALA A 1 97  ? -6.949  -5.938  5.464   1.00 30.16 ?  536 ALA A CB  1 
ATOM   646 N N   . ARG A 1 98  ? -4.293  -7.538  6.796   1.00 29.02 ?  537 ARG A N   1 
ATOM   647 C CA  . ARG A 1 98  ? -3.190  -8.482  6.767   1.00 23.83 ?  537 ARG A CA  1 
ATOM   648 C C   . ARG A 1 98  ? -3.681  -9.851  7.193   1.00 32.60 ?  537 ARG A C   1 
ATOM   649 O O   . ARG A 1 98  ? -4.357  -9.988  8.214   1.00 34.56 ?  537 ARG A O   1 
ATOM   650 C CB  . ARG A 1 98  ? -2.056  -8.008  7.692   1.00 25.44 ?  537 ARG A CB  1 
ATOM   651 C CG  . ARG A 1 98  ? -1.050  -9.028  8.081   1.00 24.98 ?  537 ARG A CG  1 
ATOM   652 C CD  . ARG A 1 98  ? 0.082   -8.356  8.809   1.00 30.17 ?  537 ARG A CD  1 
ATOM   653 N NE  . ARG A 1 98  ? 0.713   -7.300  8.009   1.00 29.10 ?  537 ARG A NE  1 
ATOM   654 C CZ  . ARG A 1 98  ? 1.504   -6.343  8.510   1.00 31.48 ?  537 ARG A CZ  1 
ATOM   655 N NH1 . ARG A 1 98  ? 1.758   -6.284  9.812   1.00 28.92 1  537 ARG A NH1 1 
ATOM   656 N NH2 . ARG A 1 98  ? 2.051   -5.433  7.712   1.00 31.57 ?  537 ARG A NH2 1 
ATOM   657 N N   . ARG A 1 99  ? -3.339  -10.855 6.401   1.00 32.32 ?  538 ARG A N   1 
ATOM   658 C CA  . ARG A 1 99  ? -3.690  -12.227 6.715   1.00 36.94 ?  538 ARG A CA  1 
ATOM   659 C C   . ARG A 1 99  ? -3.176  -12.586 8.095   1.00 34.85 ?  538 ARG A C   1 
ATOM   660 O O   . ARG A 1 99  ? -2.045  -12.262 8.432   1.00 42.58 ?  538 ARG A O   1 
ATOM   661 C CB  . ARG A 1 99  ? -3.072  -13.156 5.679   1.00 49.28 ?  538 ARG A CB  1 
ATOM   662 C CG  . ARG A 1 99  ? -1.549  -13.480 5.867   1.00 61.36 ?  538 ARG A CG  1 
ATOM   663 C CD  . ARG A 1 99  ? -0.488  -12.317 6.044   1.00 53.72 ?  538 ARG A CD  1 
ATOM   664 N NE  . ARG A 1 99  ? 0.667   -12.821 6.820   1.00 56.81 ?  538 ARG A NE  1 
ATOM   665 C CZ  . ARG A 1 99  ? 0.782   -12.742 8.161   1.00 58.73 ?  538 ARG A CZ  1 
ATOM   666 N NH1 . ARG A 1 99  ? -0.129  -12.101 8.879   1.00 48.93 ?  538 ARG A NH1 1 
ATOM   667 N NH2 . ARG A 1 99  ? 1.833   -13.270 8.816   1.00 70.69 ?  538 ARG A NH2 1 
ATOM   668 N N   . LEU A 1 100 ? -3.989  -13.234 8.913   1.00 38.03 ?  539 LEU A N   1 
ATOM   669 C CA  . LEU A 1 100 ? -3.511  -13.499 10.266  1.00 42.75 ?  539 LEU A CA  1 
ATOM   670 C C   . LEU A 1 100 ? -3.035  -14.933 10.451  1.00 44.82 ?  539 LEU A C   1 
ATOM   671 O O   . LEU A 1 100 ? -1.950  -15.154 11.010  1.00 46.72 ?  539 LEU A O   1 
ATOM   672 C CB  . LEU A 1 100 ? -4.602  -13.164 11.297  1.00 33.57 ?  539 LEU A CB  1 
ATOM   673 C CG  . LEU A 1 100 ? -4.765  -11.686 11.668  1.00 30.50 ?  539 LEU A CG  1 
ATOM   674 C CD1 . LEU A 1 100 ? -5.513  -11.511 12.993  1.00 29.15 ?  539 LEU A CD1 1 
ATOM   675 C CD2 . LEU A 1 100 ? -3.426  -10.971 11.730  1.00 24.35 ?  539 LEU A CD2 1 
ATOM   676 N N   . SER A 1 101 ? -3.846  -15.920 10.014  1.00 50.19 ?  540 SER A N   1 
ATOM   677 C CA  . SER A 1 101 ? -3.463  -17.322 10.088  1.00 54.89 ?  540 SER A CA  1 
ATOM   678 C C   . SER A 1 101 ? -2.138  -17.462 9.347   1.00 65.75 ?  540 SER A C   1 
ATOM   679 O O   . SER A 1 101 ? -1.119  -17.731 10.003  1.00 69.51 ?  540 SER A O   1 
ATOM   680 C CB  . SER A 1 101 ? -4.559  -18.236 9.526   1.00 52.23 ?  540 SER A CB  1 
ATOM   681 O OG  . SER A 1 101 ? -4.157  -19.602 9.561   1.00 57.45 ?  540 SER A OG  1 
ATOM   682 N N   . PRO A 1 102 ? -2.069  -17.276 8.002   1.00 65.88 ?  541 PRO A N   1 
ATOM   683 C CA  . PRO A 1 102 ? -0.665  -17.185 7.554   1.00 69.45 ?  541 PRO A CA  1 
ATOM   684 C C   . PRO A 1 102 ? 0.136   -16.095 8.300   1.00 57.87 ?  541 PRO A C   1 
ATOM   685 O O   . PRO A 1 102 ? 1.093   -15.608 7.683   1.00 62.43 ?  541 PRO A O   1 
ATOM   686 C CB  . PRO A 1 102 ? -0.778  -16.787 6.047   1.00 72.42 ?  541 PRO A CB  1 
ATOM   687 C CG  . PRO A 1 102 ? -2.272  -16.930 5.655   1.00 65.85 ?  541 PRO A CG  1 
ATOM   688 C CD  . PRO A 1 102 ? -2.972  -17.578 6.864   1.00 71.92 ?  541 PRO A CD  1 
ATOM   689 N N   . PRO B 2 4   ? 0.169   -7.711  -14.792 1.00 97.59 ?  4   PRO B N   1 
ATOM   690 C CA  . PRO B 2 4   ? -0.757  -8.356  -13.847 1.00 95.51 ?  4   PRO B CA  1 
ATOM   691 C C   . PRO B 2 4   ? -2.177  -7.812  -14.003 1.00 90.18 ?  4   PRO B C   1 
ATOM   692 O O   . PRO B 2 4   ? -2.610  -7.564  -15.132 1.00 92.99 ?  4   PRO B O   1 
ATOM   693 C CB  . PRO B 2 4   ? -0.168  -7.999  -12.481 1.00 82.20 ?  4   PRO B CB  1 
ATOM   694 C CG  . PRO B 2 4   ? 1.306   -7.850  -12.748 1.00 81.53 ?  4   PRO B CG  1 
ATOM   695 C CD  . PRO B 2 4   ? 1.433   -7.304  -14.151 1.00 83.33 ?  4   PRO B CD  1 
ATOM   696 N N   . GLU B 2 5   ? -2.906  -7.627  -12.901 1.00 78.50 ?  5   GLU B N   1 
ATOM   697 C CA  . GLU B 2 5   ? -4.148  -6.879  -13.022 1.00 70.29 ?  5   GLU B CA  1 
ATOM   698 C C   . GLU B 2 5   ? -3.854  -5.392  -13.169 1.00 77.49 ?  5   GLU B C   1 
ATOM   699 O O   . GLU B 2 5   ? -4.510  -4.704  -13.959 1.00 84.47 ?  5   GLU B O   1 
ATOM   700 C CB  . GLU B 2 5   ? -5.074  -7.156  -11.837 1.00 73.45 ?  5   GLU B CB  1 
ATOM   701 C CG  . GLU B 2 5   ? -6.354  -6.280  -11.766 1.00 79.21 ?  5   GLU B CG  1 
ATOM   702 C CD  . GLU B 2 5   ? -7.054  -5.987  -13.113 1.00 83.28 ?  5   GLU B CD  1 
ATOM   703 O OE1 . GLU B 2 5   ? -6.775  -6.656  -14.136 1.00 86.20 ?  5   GLU B OE1 1 
ATOM   704 O OE2 . GLU B 2 5   ? -7.900  -5.062  -13.132 1.00 81.10 ?  5   GLU B OE2 1 
ATOM   705 N N   . SER B 2 6   ? -2.838  -4.892  -12.457 1.00 69.05 ?  6   SER B N   1 
ATOM   706 C CA  . SER B 2 6   ? -2.331  -3.528  -12.598 1.00 64.05 ?  6   SER B CA  1 
ATOM   707 C C   . SER B 2 6   ? -1.252  -3.281  -11.550 1.00 59.34 ?  6   SER B C   1 
ATOM   708 O O   . SER B 2 6   ? -1.563  -3.225  -10.360 1.00 63.80 ?  6   SER B O   1 
ATOM   709 C CB  . SER B 2 6   ? -3.456  -2.501  -12.445 1.00 67.48 ?  6   SER B CB  1 
ATOM   710 O OG  . SER B 2 6   ? -4.408  -2.611  -13.491 1.00 72.76 ?  6   SER B OG  1 
ATOM   711 N N   . GLU B 2 7   ? 0.007   -3.131  -11.965 1.00 55.06 ?  7   GLU B N   1 
ATOM   712 C CA  . GLU B 2 7   ? 1.126   -3.051  -11.038 1.00 49.77 ?  7   GLU B CA  1 
ATOM   713 C C   . GLU B 2 7   ? 1.862   -1.733  -11.229 1.00 45.84 ?  7   GLU B C   1 
ATOM   714 O O   . GLU B 2 7   ? 1.854   -1.162  -12.317 1.00 56.79 ?  7   GLU B O   1 
ATOM   715 C CB  . GLU B 2 7   ? 2.080   -4.248  -11.220 1.00 57.60 ?  7   GLU B CB  1 
ATOM   716 C CG  . GLU B 2 7   ? 3.485   -4.019  -10.668 1.00 64.20 ?  7   GLU B CG  1 
ATOM   717 C CD  . GLU B 2 7   ? 4.150   -5.284  -10.167 1.00 66.18 ?  7   GLU B CD  1 
ATOM   718 O OE1 . GLU B 2 7   ? 3.497   -6.352  -10.220 1.00 69.41 ?  7   GLU B OE1 1 
ATOM   719 O OE2 . GLU B 2 7   ? 5.323   -5.195  -9.726  1.00 62.47 ?  7   GLU B OE2 1 
ATOM   720 N N   . SER B 2 8   ? 2.468   -1.237  -10.149 1.00 46.45 ?  8   SER B N   1 
ATOM   721 C CA  . SER B 2 8   ? 3.144   0.055   -10.135 1.00 35.84 ?  8   SER B CA  1 
ATOM   722 C C   . SER B 2 8   ? 4.054   0.137   -8.917  1.00 35.26 ?  8   SER B C   1 
ATOM   723 O O   . SER B 2 8   ? 3.666   -0.268  -7.822  1.00 36.48 ?  8   SER B O   1 
ATOM   724 C CB  . SER B 2 8   ? 2.141   1.213   -10.097 1.00 39.54 ?  8   SER B CB  1 
ATOM   725 O OG  . SER B 2 8   ? 1.340   1.273   -11.270 1.00 50.68 ?  8   SER B OG  1 
ATOM   726 N N   . LYS B 2 9   ? 5.247   0.676   -9.115  1.00 29.24 ?  9   LYS B N   1 
ATOM   727 C CA  . LYS B 2 9   ? 6.204   0.883   -8.040  1.00 37.00 ?  9   LYS B CA  1 
ATOM   728 C C   . LYS B 2 9   ? 5.990   2.266   -7.438  1.00 32.46 ?  9   LYS B C   1 
ATOM   729 O O   . LYS B 2 9   ? 5.773   3.243   -8.164  1.00 37.87 ?  9   LYS B O   1 
ATOM   730 C CB  . LYS B 2 9   ? 7.639   0.726   -8.568  1.00 31.15 ?  9   LYS B CB  1 
ATOM   731 C CG  . LYS B 2 9   ? 8.726   1.416   -7.741  1.00 42.04 ?  9   LYS B CG  1 
ATOM   732 C CD  . LYS B 2 9   ? 8.881   0.812   -6.340  1.00 42.60 ?  9   LYS B CD  1 
ATOM   733 C CE  . LYS B 2 9   ? 9.561   1.779   -5.362  1.00 43.28 ?  9   LYS B CE  1 
ATOM   734 N NZ  . LYS B 2 9   ? 10.973  2.168   -5.658  1.00 49.19 ?  9   LYS B NZ  1 
ATOM   735 N N   . VAL B 2 10  ? 6.026   2.350   -6.107  1.00 28.10 ?  10  VAL B N   1 
ATOM   736 C CA  . VAL B 2 10  ? 5.785   3.644   -5.444  1.00 31.75 ?  10  VAL B CA  1 
ATOM   737 C C   . VAL B 2 10  ? 6.818   3.992   -4.323  1.00 34.88 ?  10  VAL B C   1 
ATOM   738 O O   . VAL B 2 10  ? 6.940   5.154   -3.921  1.00 33.34 ?  10  VAL B O   1 
ATOM   739 C CB  . VAL B 2 10  ? 4.335   3.706   -4.898  1.00 30.15 ?  10  VAL B CB  1 
ATOM   740 C CG1 . VAL B 2 10  ? 3.347   3.800   -6.019  1.00 27.25 ?  10  VAL B CG1 1 
ATOM   741 C CG2 . VAL B 2 10  ? 4.022   2.480   -4.093  1.00 31.17 ?  10  VAL B CG2 1 
ATOM   742 O OXT . VAL B 2 10  ? 7.582   3.185   -3.772  1.00 32.45 ?  10  VAL B OXT 1 
HETATM 743 O O   . HOH C 3 .   ? -7.033  -1.000  -2.261  1.00 46.80 ?  601 HOH A O   1 
HETATM 744 O O   . HOH C 3 .   ? -11.645 4.946   9.210   1.00 39.34 ?  602 HOH A O   1 
HETATM 745 O O   . HOH C 3 .   ? 10.688  -0.894  1.218   1.00 19.90 ?  603 HOH A O   1 
HETATM 746 O O   . HOH C 3 .   ? -5.356  -1.804  13.922  1.00 17.78 ?  604 HOH A O   1 
HETATM 747 O O   . HOH C 3 .   ? -6.181  -0.094  11.713  1.00 20.84 ?  605 HOH A O   1 
HETATM 748 O O   . HOH C 3 .   ? -4.831  6.247   7.126   1.00 31.21 ?  606 HOH A O   1 
HETATM 749 O O   . HOH C 3 .   ? 7.110   -8.491  2.629   1.00 29.87 ?  607 HOH A O   1 
HETATM 750 O O   . HOH C 3 .   ? -11.279 1.900   5.917   1.00 43.45 ?  608 HOH A O   1 
HETATM 751 O O   . HOH C 3 .   ? 9.394   4.662   6.842   1.00 29.59 ?  609 HOH A O   1 
HETATM 752 O O   . HOH C 3 .   ? 12.399  3.503   0.092   1.00 24.77 ?  610 HOH A O   1 
HETATM 753 O O   . HOH C 3 .   ? -9.533  6.006   10.085  1.00 35.08 ?  611 HOH A O   1 
HETATM 754 O O   . HOH C 3 .   ? 15.203  3.465   6.096   1.00 45.71 ?  612 HOH A O   1 
HETATM 755 O O   . HOH C 3 .   ? -12.555 -1.062  12.437  1.00 31.06 ?  613 HOH A O   1 
HETATM 756 O O   . HOH C 3 .   ? 20.141  1.176   0.670   1.00 38.49 ?  614 HOH A O   1 
HETATM 757 O O   . HOH C 3 .   ? -4.216  5.260   8.879   1.00 24.08 ?  615 HOH A O   1 
HETATM 758 O O   . HOH C 3 .   ? -13.166 7.909   3.983   1.00 31.74 ?  616 HOH A O   1 
HETATM 759 O O   . HOH C 3 .   ? 8.008   7.969   -5.748  1.00 25.87 ?  617 HOH A O   1 
HETATM 760 O O   . HOH C 3 .   ? 11.928  13.342  -0.319  1.00 41.51 ?  618 HOH A O   1 
HETATM 761 O O   . HOH C 3 .   ? -1.845  5.640   9.402   1.00 32.48 ?  619 HOH A O   1 
HETATM 762 O O   . HOH C 3 .   ? -0.303  -13.571 13.430  1.00 34.54 ?  620 HOH A O   1 
HETATM 763 O O   . HOH C 3 .   ? 10.451  -7.245  2.781   1.00 31.41 ?  621 HOH A O   1 
HETATM 764 O O   . HOH C 3 .   ? 10.203  9.750   -4.509  1.00 29.51 ?  622 HOH A O   1 
HETATM 765 O O   . HOH D 3 .   ? 5.851   7.316   -4.851  1.00 32.44 ?  101 HOH B O   1 
# 
